data_3SAZ
#
_entry.id   3SAZ
#
_cell.length_a   78.216
_cell.length_b   78.216
_cell.length_c   223.578
_cell.angle_alpha   90.00
_cell.angle_beta   90.00
_cell.angle_gamma   90.00
#
_symmetry.space_group_name_H-M   'P 43 21 2'
#
loop_
_entity.id
_entity.type
_entity.pdbx_description
1 polymer 'Malate synthase G'
2 non-polymer '4-(3-bromophenyl)-2,4-dioxobutanoic acid'
3 non-polymer 'MAGNESIUM ION'
4 water water
#
_entity_poly.entity_id   1
_entity_poly.type   'polypeptide(L)'
_entity_poly.pdbx_seq_one_letter_code
;MTDRVSVGNLRIARVLYDFVNNEALPGTDIDPDSFWAGVDKVVADLTPQNQALLNARDELQAQIDKWHRRRVIEPIDMDA
YRQFLTEIGYLLPEPDDFTITTSGVDAEITTTAGPQLVVPVLNARFALNAANARWGSLYDALYGTDVIPETDGAEKGPTY
NKVRGDKVIAYARKFLDDSVPLSSGSFGDATGFTVQDGQLVVALPDKSTGLANPGQFAGYTGAAESPTSVLLINHGLHIE
ILIDPESQVGTTDRAGVKDVILESAITTIMDFEDSVAAVDAADKVLGYRNWLGLNKGDLAAAVDKDGTAFLRVLNRDRNY
TAPGGGQFTLPGRSLMFVRNVGHLMTNDAIVDTDGSEVFEGIMDALFTGLIAIHGLKASDVNGPLINSRTGSIYIVKPKM
HGPAEVAFTCELFSRVEDVLGLPQNTMKIGIMDEERRTTVNLKACIKAAADRVVFINTGFLDRTGDEIHTSMEAGPMVRK
GTMKSQPWILAYEDHNVDAGLAAGFSGRAQVGKGMWTMTELMADMVETKIAQPRAGASTAWVPSPTAATLHALHYHQVDV
AAVQQGLAGKRRATIEQLLTIPLAKELAWAPDEIREEVDNNCQSILGYVVRWVDQGVGASKVPDIHDVALMEDRATLRIS
SQLLANWLRHGVITSADVRASLERMAPLVDRQNAGDVAYRPMAPNFDDSIAFLAAQELILSGAQQPNGYTEPILHRRRRE
FKARAAEKPAPSDRAGDDAAR
;
_entity_poly.pdbx_strand_id   A
#
loop_
_chem_comp.id
_chem_comp.type
_chem_comp.name
_chem_comp.formula
043 non-polymer '4-(3-bromophenyl)-2,4-dioxobutanoic acid' 'C10 H7 Br O4'
MG non-polymer 'MAGNESIUM ION' 'Mg 2'
#
# COMPACT_ATOMS: atom_id res chain seq x y z
N THR A 2 -31.66 -12.62 -20.04
CA THR A 2 -30.64 -11.71 -19.52
C THR A 2 -29.27 -12.38 -19.42
N ASP A 3 -28.27 -11.60 -19.04
CA ASP A 3 -26.90 -12.07 -18.88
C ASP A 3 -26.60 -12.31 -17.40
N ARG A 4 -27.62 -12.75 -16.67
CA ARG A 4 -27.49 -12.94 -15.22
C ARG A 4 -28.03 -14.27 -14.74
N VAL A 5 -27.49 -14.73 -13.62
CA VAL A 5 -27.88 -15.99 -13.02
C VAL A 5 -28.62 -15.70 -11.72
N SER A 6 -29.79 -16.33 -11.54
CA SER A 6 -30.58 -16.13 -10.33
C SER A 6 -30.15 -17.07 -9.22
N VAL A 7 -29.84 -16.49 -8.07
CA VAL A 7 -29.61 -17.26 -6.86
C VAL A 7 -30.33 -16.55 -5.72
N GLY A 8 -31.44 -17.12 -5.27
CA GLY A 8 -32.22 -16.46 -4.24
C GLY A 8 -32.60 -15.07 -4.73
N ASN A 9 -32.31 -14.04 -3.94
CA ASN A 9 -32.68 -12.67 -4.30
C ASN A 9 -31.68 -11.99 -5.25
N LEU A 10 -30.63 -12.71 -5.63
CA LEU A 10 -29.55 -12.10 -6.36
C LEU A 10 -29.55 -12.49 -7.82
N ARG A 11 -29.01 -11.61 -8.65
CA ARG A 11 -28.88 -11.86 -10.08
C ARG A 11 -27.44 -11.55 -10.43
N ILE A 12 -26.66 -12.61 -10.62
CA ILE A 12 -25.23 -12.56 -10.74
C ILE A 12 -24.79 -12.50 -12.18
N ALA A 13 -23.98 -11.52 -12.55
CA ALA A 13 -23.47 -11.45 -13.91
C ALA A 13 -22.89 -12.81 -14.30
N ARG A 14 -23.20 -13.27 -15.51
CA ARG A 14 -22.83 -14.62 -15.94
C ARG A 14 -21.30 -14.82 -15.92
N VAL A 15 -20.56 -13.78 -16.31
CA VAL A 15 -19.10 -13.89 -16.36
C VAL A 15 -18.51 -14.19 -14.99
N LEU A 16 -19.07 -13.56 -13.96
CA LEU A 16 -18.64 -13.79 -12.59
C LEU A 16 -19.07 -15.18 -12.10
N TYR A 17 -20.32 -15.53 -12.42
CA TYR A 17 -20.85 -16.83 -12.03
C TYR A 17 -19.97 -17.96 -12.58
N ASP A 18 -19.67 -17.89 -13.87
CA ASP A 18 -18.86 -18.89 -14.53
C ASP A 18 -17.45 -18.92 -13.96
N PHE A 19 -16.88 -17.75 -13.72
CA PHE A 19 -15.52 -17.71 -13.17
C PHE A 19 -15.46 -18.47 -11.85
N VAL A 20 -16.37 -18.18 -10.94
CA VAL A 20 -16.33 -18.81 -9.64
C VAL A 20 -16.53 -20.33 -9.74
N ASN A 21 -17.49 -20.74 -10.56
CA ASN A 21 -17.77 -22.16 -10.72
C ASN A 21 -16.66 -22.96 -11.38
N ASN A 22 -16.12 -22.42 -12.46
CA ASN A 22 -15.18 -23.18 -13.27
C ASN A 22 -13.74 -23.04 -12.82
N GLU A 23 -13.43 -21.94 -12.13
CA GLU A 23 -12.04 -21.62 -11.84
C GLU A 23 -11.76 -21.55 -10.34
N ALA A 24 -12.61 -20.85 -9.61
CA ALA A 24 -12.35 -20.60 -8.19
C ALA A 24 -12.76 -21.74 -7.26
N LEU A 25 -13.93 -22.33 -7.49
CA LEU A 25 -14.45 -23.35 -6.57
C LEU A 25 -13.72 -24.70 -6.61
N PRO A 26 -13.39 -25.20 -7.83
CA PRO A 26 -12.80 -26.53 -7.91
C PRO A 26 -11.46 -26.63 -7.18
N GLY A 27 -11.38 -27.52 -6.20
CA GLY A 27 -10.15 -27.73 -5.47
C GLY A 27 -10.26 -27.23 -4.03
N THR A 28 -11.34 -26.52 -3.74
CA THR A 28 -11.53 -25.98 -2.40
C THR A 28 -12.39 -26.90 -1.55
N ASP A 29 -13.05 -27.87 -2.19
CA ASP A 29 -13.95 -28.79 -1.50
C ASP A 29 -15.18 -28.09 -0.94
N ILE A 30 -15.50 -26.93 -1.49
CA ILE A 30 -16.74 -26.27 -1.16
C ILE A 30 -17.79 -26.66 -2.19
N ASP A 31 -18.92 -27.17 -1.71
CA ASP A 31 -20.03 -27.47 -2.58
C ASP A 31 -20.61 -26.19 -3.18
N PRO A 32 -20.58 -26.07 -4.51
CA PRO A 32 -21.03 -24.89 -5.26
C PRO A 32 -22.42 -24.37 -4.88
N ASP A 33 -23.39 -25.27 -4.76
CA ASP A 33 -24.73 -24.88 -4.31
C ASP A 33 -24.67 -24.19 -2.94
N SER A 34 -23.95 -24.80 -2.01
CA SER A 34 -23.79 -24.24 -0.68
C SER A 34 -23.08 -22.88 -0.71
N PHE A 35 -22.10 -22.75 -1.59
CA PHE A 35 -21.39 -21.48 -1.70
C PHE A 35 -22.34 -20.36 -2.09
N TRP A 36 -23.02 -20.57 -3.22
CA TRP A 36 -23.92 -19.57 -3.78
C TRP A 36 -25.07 -19.25 -2.84
N ALA A 37 -25.62 -20.27 -2.18
CA ALA A 37 -26.64 -20.04 -1.18
C ALA A 37 -26.08 -19.14 -0.08
N GLY A 38 -24.82 -19.39 0.28
CA GLY A 38 -24.14 -18.58 1.28
C GLY A 38 -24.02 -17.12 0.88
N VAL A 39 -23.59 -16.90 -0.36
CA VAL A 39 -23.48 -15.56 -0.91
C VAL A 39 -24.82 -14.79 -0.75
N ASP A 40 -25.91 -15.39 -1.21
CA ASP A 40 -27.25 -14.82 -1.07
C ASP A 40 -27.56 -14.50 0.39
N LYS A 41 -27.32 -15.47 1.25
CA LYS A 41 -27.63 -15.34 2.67
C LYS A 41 -26.81 -14.24 3.35
N VAL A 42 -25.50 -14.25 3.15
CA VAL A 42 -24.65 -13.22 3.75
C VAL A 42 -25.02 -11.83 3.24
N VAL A 43 -25.18 -11.68 1.93
CA VAL A 43 -25.64 -10.42 1.37
C VAL A 43 -26.97 -9.98 1.99
N ALA A 44 -27.95 -10.89 2.04
CA ALA A 44 -29.25 -10.53 2.64
C ALA A 44 -29.13 -10.04 4.08
N ASP A 45 -28.36 -10.77 4.89
CA ASP A 45 -28.24 -10.52 6.33
C ASP A 45 -27.45 -9.27 6.72
N LEU A 46 -26.38 -8.97 5.99
CA LEU A 46 -25.45 -7.91 6.39
C LEU A 46 -25.63 -6.58 5.66
N THR A 47 -26.40 -6.57 4.59
CA THR A 47 -26.60 -5.35 3.83
C THR A 47 -27.22 -4.22 4.67
N PRO A 48 -28.26 -4.54 5.48
CA PRO A 48 -28.90 -3.49 6.28
C PRO A 48 -27.91 -2.77 7.21
N GLN A 49 -27.06 -3.52 7.88
CA GLN A 49 -26.05 -2.94 8.77
CA GLN A 49 -26.07 -2.93 8.77
C GLN A 49 -25.04 -2.15 7.95
N ASN A 50 -24.62 -2.72 6.82
CA ASN A 50 -23.69 -2.01 5.95
C ASN A 50 -24.25 -0.62 5.65
N GLN A 51 -25.53 -0.57 5.30
CA GLN A 51 -26.17 0.69 4.91
C GLN A 51 -26.27 1.64 6.10
N ALA A 52 -26.65 1.10 7.26
CA ALA A 52 -26.77 1.91 8.46
C ALA A 52 -25.46 2.60 8.81
N LEU A 53 -24.34 1.88 8.66
CA LEU A 53 -23.03 2.45 8.93
C LEU A 53 -22.72 3.60 7.99
N LEU A 54 -23.02 3.43 6.70
CA LEU A 54 -22.85 4.53 5.73
C LEU A 54 -23.72 5.74 6.07
N ASN A 55 -24.96 5.49 6.50
CA ASN A 55 -25.85 6.59 6.85
C ASN A 55 -25.33 7.32 8.09
N ALA A 56 -24.71 6.58 9.00
CA ALA A 56 -24.19 7.21 10.21
C ALA A 56 -23.01 8.14 9.90
N ARG A 57 -22.15 7.76 8.96
CA ARG A 57 -21.10 8.67 8.53
C ARG A 57 -21.72 10.00 8.10
N ASP A 58 -22.71 9.92 7.22
CA ASP A 58 -23.32 11.13 6.66
C ASP A 58 -23.90 12.00 7.78
N GLU A 59 -24.52 11.37 8.75
CA GLU A 59 -25.18 12.08 9.85
C GLU A 59 -24.16 12.77 10.74
N LEU A 60 -23.08 12.07 11.06
CA LEU A 60 -22.00 12.70 11.79
C LEU A 60 -21.42 13.88 11.02
N GLN A 61 -21.15 13.70 9.74
CA GLN A 61 -20.58 14.78 8.95
C GLN A 61 -21.52 15.99 8.90
N ALA A 62 -22.82 15.74 8.79
CA ALA A 62 -23.79 16.84 8.78
C ALA A 62 -23.72 17.67 10.07
N GLN A 63 -23.64 16.98 11.21
CA GLN A 63 -23.59 17.64 12.50
C GLN A 63 -22.33 18.47 12.66
N ILE A 64 -21.22 17.92 12.19
CA ILE A 64 -19.95 18.63 12.23
C ILE A 64 -19.96 19.86 11.31
N ASP A 65 -20.46 19.69 10.10
CA ASP A 65 -20.63 20.83 9.18
C ASP A 65 -21.40 21.95 9.88
N LYS A 66 -22.50 21.57 10.52
CA LYS A 66 -23.38 22.55 11.15
CA LYS A 66 -23.40 22.49 11.20
C LYS A 66 -22.74 23.17 12.40
N TRP A 67 -21.82 22.45 13.02
CA TRP A 67 -21.13 22.96 14.20
C TRP A 67 -20.26 24.13 13.80
N HIS A 68 -19.54 23.97 12.70
CA HIS A 68 -18.65 25.03 12.23
C HIS A 68 -19.42 26.25 11.75
N ARG A 69 -20.50 26.01 11.01
CA ARG A 69 -21.30 27.10 10.46
C ARG A 69 -21.93 28.02 11.52
N ARG A 70 -22.28 27.46 12.67
CA ARG A 70 -22.90 28.25 13.74
C ARG A 70 -21.88 28.92 14.65
N ARG A 71 -20.60 28.78 14.33
CA ARG A 71 -19.53 29.19 15.25
C ARG A 71 -18.97 30.60 15.05
N VAL A 72 -18.20 30.81 13.98
CA VAL A 72 -17.62 32.14 13.72
C VAL A 72 -16.40 32.55 14.59
N ILE A 73 -16.34 32.08 15.83
CA ILE A 73 -15.18 32.38 16.68
C ILE A 73 -13.88 31.84 16.08
N GLU A 74 -12.94 32.75 15.82
CA GLU A 74 -11.72 32.42 15.09
C GLU A 74 -11.04 31.15 15.60
N PRO A 75 -10.29 31.23 16.72
CA PRO A 75 -9.60 30.01 17.16
C PRO A 75 -10.59 28.98 17.70
N ILE A 76 -10.65 27.82 17.05
CA ILE A 76 -11.55 26.76 17.50
C ILE A 76 -11.34 26.47 18.98
N ASP A 77 -12.42 26.53 19.75
CA ASP A 77 -12.35 26.19 21.16
C ASP A 77 -12.26 24.67 21.31
N MET A 78 -11.05 24.20 21.62
CA MET A 78 -10.77 22.77 21.62
C MET A 78 -11.60 21.96 22.61
N ASP A 79 -11.83 22.48 23.80
CA ASP A 79 -12.62 21.73 24.78
C ASP A 79 -14.09 21.62 24.40
N ALA A 80 -14.59 22.67 23.75
CA ALA A 80 -15.99 22.68 23.30
C ALA A 80 -16.15 21.69 22.15
N TYR A 81 -15.23 21.76 21.20
CA TYR A 81 -15.20 20.89 20.04
C TYR A 81 -15.12 19.42 20.48
N ARG A 82 -14.16 19.13 21.34
CA ARG A 82 -14.01 17.77 21.88
C ARG A 82 -15.28 17.31 22.58
N GLN A 83 -15.86 18.16 23.40
CA GLN A 83 -17.11 17.77 24.07
C GLN A 83 -18.22 17.48 23.05
N PHE A 84 -18.27 18.27 21.99
CA PHE A 84 -19.26 18.07 20.95
C PHE A 84 -19.10 16.69 20.28
N LEU A 85 -17.88 16.40 19.84
CA LEU A 85 -17.57 15.13 19.19
C LEU A 85 -17.93 13.95 20.08
N THR A 86 -17.74 14.12 21.38
CA THR A 86 -18.11 13.08 22.32
C THR A 86 -19.63 12.96 22.42
N GLU A 87 -20.30 14.10 22.42
CA GLU A 87 -21.75 14.11 22.52
C GLU A 87 -22.41 13.36 21.36
N ILE A 88 -21.95 13.61 20.14
CA ILE A 88 -22.58 13.02 18.95
C ILE A 88 -22.15 11.58 18.66
N GLY A 89 -21.25 11.04 19.49
CA GLY A 89 -20.82 9.66 19.31
C GLY A 89 -19.65 9.49 18.32
N TYR A 90 -18.96 10.58 18.03
CA TYR A 90 -17.85 10.59 17.08
C TYR A 90 -16.60 10.15 17.81
N LEU A 91 -16.39 10.73 18.99
CA LEU A 91 -15.27 10.39 19.84
C LEU A 91 -15.79 9.50 20.96
N LEU A 92 -15.40 8.23 20.94
CA LEU A 92 -15.89 7.27 21.93
C LEU A 92 -14.88 7.06 23.04
N PRO A 93 -15.33 6.53 24.18
CA PRO A 93 -14.44 6.23 25.31
C PRO A 93 -13.32 5.27 24.90
N GLU A 94 -12.16 5.43 25.49
CA GLU A 94 -11.03 4.55 25.20
C GLU A 94 -11.11 3.32 26.10
N PRO A 95 -11.06 2.10 25.51
CA PRO A 95 -11.16 0.88 26.31
C PRO A 95 -9.97 0.71 27.25
N ASP A 96 -10.10 -0.18 28.23
CA ASP A 96 -8.99 -0.49 29.10
C ASP A 96 -7.89 -1.17 28.29
N ASP A 97 -6.67 -1.18 28.85
CA ASP A 97 -5.56 -1.82 28.18
C ASP A 97 -5.85 -3.28 27.89
N PHE A 98 -5.29 -3.79 26.79
CA PHE A 98 -5.45 -5.18 26.39
C PHE A 98 -4.33 -5.57 25.43
N THR A 99 -4.25 -6.85 25.13
CA THR A 99 -3.22 -7.38 24.24
C THR A 99 -3.92 -8.20 23.17
N ILE A 100 -3.55 -8.02 21.91
CA ILE A 100 -4.21 -8.78 20.84
C ILE A 100 -3.96 -10.28 21.00
N THR A 101 -4.84 -11.10 20.44
CA THR A 101 -4.71 -12.55 20.61
C THR A 101 -4.63 -13.30 19.28
N THR A 102 -4.44 -12.56 18.19
CA THR A 102 -4.32 -13.14 16.86
C THR A 102 -3.32 -14.30 16.79
N SER A 103 -3.72 -15.44 16.23
CA SER A 103 -2.80 -16.57 16.12
C SER A 103 -2.78 -17.17 14.73
N GLY A 104 -1.85 -18.08 14.48
CA GLY A 104 -1.73 -18.67 13.16
C GLY A 104 -1.18 -17.70 12.12
N VAL A 105 -0.40 -16.71 12.56
CA VAL A 105 0.19 -15.74 11.62
C VAL A 105 1.63 -16.10 11.23
N ASP A 106 2.00 -15.85 9.98
CA ASP A 106 3.35 -16.18 9.49
C ASP A 106 4.44 -15.26 10.03
N ALA A 107 5.68 -15.75 10.00
CA ALA A 107 6.83 -15.03 10.53
C ALA A 107 7.06 -13.69 9.85
N GLU A 108 6.77 -13.63 8.55
CA GLU A 108 6.95 -12.38 7.78
C GLU A 108 6.13 -11.22 8.34
N ILE A 109 5.10 -11.55 9.10
CA ILE A 109 4.24 -10.55 9.70
C ILE A 109 4.48 -10.36 11.19
N THR A 110 4.63 -11.44 11.94
CA THR A 110 4.79 -11.32 13.39
C THR A 110 6.16 -10.79 13.76
N THR A 111 7.15 -11.08 12.93
CA THR A 111 8.53 -10.95 13.38
C THR A 111 9.43 -10.14 12.47
N THR A 112 9.43 -10.46 11.17
CA THR A 112 10.36 -9.81 10.25
C THR A 112 9.99 -8.34 10.02
N ALA A 113 10.95 -7.44 10.21
CA ALA A 113 10.74 -6.04 9.83
C ALA A 113 11.31 -5.80 8.42
N GLY A 114 10.50 -5.24 7.53
CA GLY A 114 10.98 -4.96 6.18
C GLY A 114 9.91 -4.34 5.30
N PRO A 115 10.27 -3.97 4.08
CA PRO A 115 9.38 -3.31 3.12
C PRO A 115 8.13 -4.12 2.78
N GLN A 116 7.06 -3.40 2.46
CA GLN A 116 5.80 -4.00 2.02
C GLN A 116 5.41 -3.32 0.72
N LEU A 117 5.27 -4.12 -0.34
CA LEU A 117 5.04 -3.62 -1.67
C LEU A 117 3.54 -3.64 -1.98
N VAL A 118 3.02 -2.58 -2.60
CA VAL A 118 1.62 -2.56 -3.02
C VAL A 118 1.52 -2.45 -4.52
N VAL A 119 0.70 -3.33 -5.13
CA VAL A 119 0.63 -3.44 -6.59
C VAL A 119 -0.81 -3.72 -7.05
N PRO A 120 -1.23 -3.10 -8.17
CA PRO A 120 -2.57 -3.31 -8.72
C PRO A 120 -2.77 -4.74 -9.19
N VAL A 121 -3.74 -5.43 -8.60
CA VAL A 121 -3.97 -6.84 -8.91
C VAL A 121 -4.45 -7.07 -10.36
N LEU A 122 -5.03 -6.05 -10.99
CA LEU A 122 -5.48 -6.20 -12.38
C LEU A 122 -4.35 -6.22 -13.41
N ASN A 123 -3.13 -5.87 -12.99
CA ASN A 123 -1.99 -5.94 -13.91
C ASN A 123 -1.16 -7.19 -13.60
N ALA A 124 -1.31 -8.22 -14.42
CA ALA A 124 -0.69 -9.51 -14.14
C ALA A 124 0.84 -9.45 -14.13
N ARG A 125 1.41 -8.74 -15.10
CA ARG A 125 2.86 -8.55 -15.15
C ARG A 125 3.39 -7.97 -13.84
N PHE A 126 2.79 -6.86 -13.40
CA PHE A 126 3.26 -6.17 -12.19
C PHE A 126 3.07 -7.03 -10.95
N ALA A 127 1.94 -7.73 -10.87
CA ALA A 127 1.66 -8.58 -9.72
C ALA A 127 2.67 -9.71 -9.62
N LEU A 128 3.03 -10.29 -10.77
CA LEU A 128 4.08 -11.30 -10.81
C LEU A 128 5.43 -10.76 -10.35
N ASN A 129 5.84 -9.59 -10.85
CA ASN A 129 7.10 -8.98 -10.42
C ASN A 129 7.11 -8.68 -8.92
N ALA A 130 5.94 -8.36 -8.38
CA ALA A 130 5.84 -7.98 -6.99
C ALA A 130 5.98 -9.22 -6.12
N ALA A 131 5.28 -10.29 -6.52
CA ALA A 131 5.37 -11.55 -5.81
C ALA A 131 6.82 -12.03 -5.79
N ASN A 132 7.52 -11.80 -6.91
CA ASN A 132 8.91 -12.21 -7.04
C ASN A 132 9.90 -11.23 -6.39
N ALA A 133 9.40 -10.10 -5.92
CA ALA A 133 10.27 -9.05 -5.39
C ALA A 133 10.80 -9.34 -3.98
N ARG A 134 10.47 -10.50 -3.44
CA ARG A 134 11.04 -10.97 -2.18
C ARG A 134 12.57 -10.89 -2.22
N TRP A 135 13.13 -11.11 -3.40
CA TRP A 135 14.57 -10.95 -3.60
C TRP A 135 14.83 -10.00 -4.76
N GLY A 136 15.82 -9.14 -4.61
CA GLY A 136 16.12 -8.15 -5.61
C GLY A 136 17.59 -7.72 -5.64
N SER A 137 18.05 -7.35 -6.82
CA SER A 137 19.44 -6.97 -7.03
C SER A 137 19.69 -5.57 -6.48
N LEU A 138 20.61 -5.46 -5.53
CA LEU A 138 21.04 -4.14 -5.08
C LEU A 138 21.84 -3.42 -6.17
N TYR A 139 22.66 -4.14 -6.95
CA TYR A 139 23.41 -3.46 -8.00
C TYR A 139 22.45 -2.83 -9.01
N ASP A 140 21.41 -3.57 -9.39
CA ASP A 140 20.45 -3.05 -10.35
C ASP A 140 19.72 -1.84 -9.78
N ALA A 141 19.38 -1.90 -8.49
CA ALA A 141 18.69 -0.78 -7.84
C ALA A 141 19.57 0.47 -7.73
N LEU A 142 20.86 0.28 -7.48
CA LEU A 142 21.77 1.42 -7.38
C LEU A 142 22.13 1.97 -8.77
N TYR A 143 22.49 1.08 -9.68
CA TYR A 143 22.95 1.50 -11.00
C TYR A 143 21.81 2.18 -11.77
N GLY A 144 20.61 1.62 -11.63
CA GLY A 144 19.45 2.09 -12.38
C GLY A 144 18.75 3.35 -11.89
N THR A 145 19.07 3.81 -10.69
CA THR A 145 18.35 4.95 -10.11
C THR A 145 19.28 6.10 -9.75
N ASP A 146 18.72 7.18 -9.25
CA ASP A 146 19.53 8.33 -8.91
C ASP A 146 20.21 8.20 -7.55
N VAL A 147 20.07 7.04 -6.89
CA VAL A 147 20.82 6.85 -5.64
C VAL A 147 22.32 7.03 -5.88
N ILE A 148 22.82 6.57 -7.03
CA ILE A 148 24.16 6.95 -7.48
C ILE A 148 23.99 8.11 -8.45
N PRO A 149 24.40 9.32 -8.03
CA PRO A 149 24.17 10.53 -8.85
C PRO A 149 24.79 10.35 -10.22
N GLU A 150 24.09 10.82 -11.24
CA GLU A 150 24.62 10.80 -12.60
C GLU A 150 25.55 11.99 -12.83
N THR A 151 26.56 12.12 -11.98
CA THR A 151 27.56 13.17 -12.15
C THR A 151 28.42 12.90 -13.37
N ASP A 152 29.26 13.87 -13.69
CA ASP A 152 30.16 13.80 -14.83
C ASP A 152 30.96 12.50 -14.79
N GLY A 153 30.88 11.73 -15.86
CA GLY A 153 31.61 10.47 -15.95
C GLY A 153 30.85 9.30 -15.40
N ALA A 154 29.84 9.54 -14.57
CA ALA A 154 29.04 8.46 -13.98
C ALA A 154 27.64 8.35 -14.57
N GLU A 155 27.44 8.89 -15.76
CA GLU A 155 26.12 8.88 -16.38
C GLU A 155 25.70 7.48 -16.83
N LYS A 156 24.40 7.24 -16.85
CA LYS A 156 23.85 6.04 -17.48
C LYS A 156 23.90 6.24 -18.98
N GLY A 157 24.44 5.24 -19.69
CA GLY A 157 24.47 5.27 -21.14
C GLY A 157 23.74 4.08 -21.68
N PRO A 158 23.81 3.84 -23.00
CA PRO A 158 23.16 2.65 -23.57
C PRO A 158 23.92 1.38 -23.18
N THR A 159 25.16 1.52 -22.73
CA THR A 159 25.93 0.39 -22.24
C THR A 159 26.58 0.66 -20.87
N TYR A 160 27.05 -0.41 -20.24
CA TYR A 160 27.65 -0.36 -18.91
C TYR A 160 28.72 0.69 -18.79
N ASN A 161 28.54 1.58 -17.81
CA ASN A 161 29.51 2.60 -17.51
C ASN A 161 30.31 2.16 -16.27
N LYS A 162 31.57 1.80 -16.48
CA LYS A 162 32.43 1.27 -15.42
C LYS A 162 32.65 2.25 -14.26
N VAL A 163 32.74 3.53 -14.58
CA VAL A 163 32.87 4.56 -13.54
C VAL A 163 31.64 4.49 -12.63
N ARG A 164 30.47 4.40 -13.24
CA ARG A 164 29.22 4.28 -12.50
C ARG A 164 29.16 2.95 -11.74
N GLY A 165 29.49 1.86 -12.43
CA GLY A 165 29.51 0.55 -11.81
C GLY A 165 30.37 0.50 -10.57
N ASP A 166 31.55 1.12 -10.65
CA ASP A 166 32.47 1.16 -9.52
C ASP A 166 31.86 1.89 -8.32
N LYS A 167 31.12 2.96 -8.59
CA LYS A 167 30.42 3.67 -7.51
C LYS A 167 29.38 2.75 -6.87
N VAL A 168 28.66 2.02 -7.71
CA VAL A 168 27.70 1.03 -7.21
C VAL A 168 28.40 0.02 -6.31
N ILE A 169 29.49 -0.54 -6.80
CA ILE A 169 30.25 -1.50 -6.01
C ILE A 169 30.69 -0.92 -4.67
N ALA A 170 31.23 0.29 -4.68
CA ALA A 170 31.69 0.91 -3.43
C ALA A 170 30.54 1.20 -2.47
N TYR A 171 29.41 1.61 -3.01
CA TYR A 171 28.23 1.85 -2.18
C TYR A 171 27.84 0.55 -1.46
N ALA A 172 27.79 -0.55 -2.21
CA ALA A 172 27.43 -1.84 -1.64
C ALA A 172 28.46 -2.36 -0.62
N ARG A 173 29.74 -2.10 -0.86
CA ARG A 173 30.78 -2.52 0.08
C ARG A 173 30.60 -1.81 1.43
N LYS A 174 30.32 -0.51 1.37
CA LYS A 174 30.02 0.23 2.59
C LYS A 174 28.79 -0.34 3.30
N PHE A 175 27.75 -0.66 2.53
CA PHE A 175 26.57 -1.28 3.10
C PHE A 175 26.93 -2.54 3.88
N LEU A 176 27.75 -3.40 3.28
CA LEU A 176 28.19 -4.62 3.97
C LEU A 176 28.97 -4.27 5.23
N ASP A 177 29.92 -3.35 5.13
CA ASP A 177 30.65 -2.91 6.32
C ASP A 177 29.71 -2.45 7.43
N ASP A 178 28.70 -1.67 7.08
CA ASP A 178 27.76 -1.15 8.08
C ASP A 178 26.84 -2.24 8.65
N SER A 179 26.56 -3.29 7.87
CA SER A 179 25.50 -4.23 8.23
C SER A 179 26.01 -5.53 8.85
N VAL A 180 27.11 -6.03 8.30
CA VAL A 180 27.68 -7.28 8.73
C VAL A 180 29.21 -7.08 8.87
N PRO A 181 29.63 -6.34 9.90
CA PRO A 181 31.03 -5.89 9.95
C PRO A 181 32.03 -7.03 10.12
N LEU A 182 33.19 -6.88 9.49
CA LEU A 182 34.28 -7.83 9.69
C LEU A 182 34.93 -7.58 11.04
N SER A 183 35.57 -8.61 11.61
CA SER A 183 36.33 -8.47 12.84
C SER A 183 37.39 -7.39 12.70
N SER A 184 38.03 -7.36 11.54
CA SER A 184 38.98 -6.30 11.21
C SER A 184 38.95 -6.05 9.70
N GLY A 185 39.28 -4.83 9.29
CA GLY A 185 39.27 -4.51 7.88
C GLY A 185 37.90 -4.27 7.28
N SER A 186 37.86 -4.02 5.97
CA SER A 186 36.63 -3.64 5.29
C SER A 186 36.34 -4.57 4.12
N PHE A 187 35.07 -4.80 3.85
CA PHE A 187 34.69 -5.60 2.69
C PHE A 187 35.28 -4.98 1.43
N GLY A 188 35.46 -3.66 1.46
CA GLY A 188 36.11 -2.95 0.37
C GLY A 188 37.41 -3.59 -0.07
N ASP A 189 38.12 -4.21 0.86
CA ASP A 189 39.44 -4.78 0.58
C ASP A 189 39.48 -6.31 0.43
N ALA A 190 38.31 -6.95 0.47
CA ALA A 190 38.25 -8.40 0.36
C ALA A 190 38.74 -8.88 -1.00
N THR A 191 39.40 -10.03 -1.02
CA THR A 191 39.87 -10.65 -2.26
C THR A 191 39.20 -11.99 -2.50
N GLY A 192 38.48 -12.51 -1.50
CA GLY A 192 37.86 -13.81 -1.63
C GLY A 192 37.09 -14.23 -0.41
N PHE A 193 36.24 -15.24 -0.58
CA PHE A 193 35.45 -15.77 0.51
C PHE A 193 35.54 -17.28 0.53
N THR A 194 35.74 -17.85 1.71
CA THR A 194 35.68 -19.30 1.85
C THR A 194 34.96 -19.70 3.13
N VAL A 195 34.55 -20.95 3.19
CA VAL A 195 33.91 -21.49 4.39
C VAL A 195 34.80 -22.60 4.96
N GLN A 196 35.20 -22.45 6.22
CA GLN A 196 36.11 -23.40 6.85
C GLN A 196 35.62 -23.74 8.25
N ASP A 197 35.40 -25.02 8.52
CA ASP A 197 34.91 -25.44 9.82
C ASP A 197 33.62 -24.72 10.16
N GLY A 198 32.81 -24.43 9.15
CA GLY A 198 31.50 -23.82 9.34
C GLY A 198 31.54 -22.33 9.57
N GLN A 199 32.70 -21.72 9.36
CA GLN A 199 32.85 -20.30 9.60
C GLN A 199 33.20 -19.58 8.30
N LEU A 200 32.65 -18.40 8.13
CA LEU A 200 33.00 -17.59 6.97
C LEU A 200 34.38 -16.96 7.16
N VAL A 201 35.25 -17.15 6.17
CA VAL A 201 36.57 -16.55 6.20
C VAL A 201 36.66 -15.59 5.03
N VAL A 202 36.95 -14.33 5.33
CA VAL A 202 37.14 -13.32 4.31
C VAL A 202 38.61 -12.99 4.14
N ALA A 203 39.13 -13.24 2.95
CA ALA A 203 40.52 -12.95 2.64
C ALA A 203 40.70 -11.46 2.44
N LEU A 204 41.68 -10.91 3.14
CA LEU A 204 42.12 -9.54 2.91
C LEU A 204 43.48 -9.63 2.23
N PRO A 205 44.08 -8.47 1.91
CA PRO A 205 45.36 -8.53 1.19
C PRO A 205 46.49 -9.15 2.02
N ASP A 206 46.62 -8.76 3.29
CA ASP A 206 47.74 -9.21 4.11
C ASP A 206 47.33 -10.17 5.23
N LYS A 207 46.05 -10.51 5.28
CA LYS A 207 45.54 -11.40 6.32
C LYS A 207 44.13 -11.88 5.96
N SER A 208 43.58 -12.76 6.81
CA SER A 208 42.17 -13.15 6.68
C SER A 208 41.42 -12.81 7.96
N THR A 209 40.11 -12.64 7.84
CA THR A 209 39.31 -12.26 8.99
C THR A 209 37.95 -12.93 8.93
N GLY A 210 37.26 -12.95 10.06
CA GLY A 210 35.91 -13.48 10.13
C GLY A 210 34.93 -12.35 10.40
N LEU A 211 33.66 -12.69 10.54
CA LEU A 211 32.66 -11.71 10.90
C LEU A 211 32.80 -11.35 12.37
N ALA A 212 32.59 -10.07 12.70
CA ALA A 212 32.60 -9.65 14.10
C ALA A 212 31.53 -10.42 14.86
N ASN A 213 30.44 -10.73 14.15
CA ASN A 213 29.39 -11.59 14.69
C ASN A 213 29.15 -12.80 13.78
N PRO A 214 29.81 -13.92 14.10
CA PRO A 214 29.81 -15.09 13.21
C PRO A 214 28.40 -15.60 13.01
N GLY A 215 27.50 -15.24 13.89
CA GLY A 215 26.11 -15.67 13.80
C GLY A 215 25.36 -15.00 12.64
N GLN A 216 25.97 -14.00 12.03
CA GLN A 216 25.39 -13.35 10.86
C GLN A 216 25.70 -14.14 9.58
N PHE A 217 26.56 -15.14 9.69
CA PHE A 217 26.80 -16.05 8.56
C PHE A 217 25.64 -17.04 8.47
N ALA A 218 24.86 -16.97 7.41
CA ALA A 218 23.66 -17.82 7.30
C ALA A 218 23.82 -19.03 6.41
N GLY A 219 24.77 -18.97 5.49
CA GLY A 219 24.99 -20.09 4.57
C GLY A 219 25.70 -19.68 3.30
N TYR A 220 25.69 -20.57 2.31
CA TYR A 220 26.41 -20.35 1.06
C TYR A 220 25.92 -21.28 -0.03
N THR A 221 26.36 -21.05 -1.25
CA THR A 221 26.11 -22.02 -2.33
C THR A 221 27.45 -22.36 -2.97
N GLY A 222 27.52 -23.49 -3.66
CA GLY A 222 28.75 -23.95 -4.27
C GLY A 222 29.72 -24.55 -3.26
N ALA A 223 30.96 -24.76 -3.68
CA ALA A 223 31.96 -25.42 -2.85
C ALA A 223 32.43 -24.50 -1.72
N ALA A 224 32.52 -25.04 -0.51
CA ALA A 224 32.97 -24.26 0.64
C ALA A 224 34.28 -23.54 0.33
N GLU A 225 35.13 -24.21 -0.46
CA GLU A 225 36.48 -23.72 -0.75
C GLU A 225 36.55 -22.67 -1.86
N SER A 226 35.46 -22.53 -2.63
CA SER A 226 35.33 -21.46 -3.61
C SER A 226 33.85 -21.31 -3.96
N PRO A 227 33.07 -20.75 -3.03
CA PRO A 227 31.61 -20.72 -3.15
C PRO A 227 31.15 -19.86 -4.32
N THR A 228 29.92 -20.08 -4.76
CA THR A 228 29.35 -19.25 -5.80
C THR A 228 28.55 -18.12 -5.17
N SER A 229 28.24 -18.28 -3.89
CA SER A 229 27.61 -17.19 -3.14
C SER A 229 27.75 -17.41 -1.65
N VAL A 230 27.60 -16.32 -0.91
CA VAL A 230 27.65 -16.32 0.53
C VAL A 230 26.40 -15.60 1.04
N LEU A 231 25.73 -16.20 2.02
CA LEU A 231 24.46 -15.69 2.50
C LEU A 231 24.66 -15.21 3.92
N LEU A 232 24.24 -13.97 4.18
CA LEU A 232 24.35 -13.38 5.50
C LEU A 232 22.97 -12.98 5.99
N ILE A 233 22.84 -12.74 7.29
CA ILE A 233 21.60 -12.24 7.82
C ILE A 233 21.84 -11.12 8.83
N ASN A 234 21.02 -10.08 8.75
CA ASN A 234 21.09 -8.96 9.67
C ASN A 234 19.71 -8.40 9.98
N HIS A 235 19.41 -8.23 11.26
CA HIS A 235 18.09 -7.78 11.69
C HIS A 235 16.99 -8.63 11.05
N GLY A 236 17.29 -9.91 10.86
CA GLY A 236 16.32 -10.86 10.35
C GLY A 236 16.16 -10.86 8.83
N LEU A 237 16.93 -10.04 8.13
CA LEU A 237 16.84 -9.96 6.67
C LEU A 237 18.09 -10.53 6.01
N HIS A 238 17.91 -11.29 4.95
CA HIS A 238 19.04 -11.91 4.29
C HIS A 238 19.71 -11.00 3.26
N ILE A 239 21.02 -11.15 3.16
CA ILE A 239 21.84 -10.48 2.15
C ILE A 239 22.67 -11.57 1.47
N GLU A 240 22.69 -11.58 0.14
CA GLU A 240 23.48 -12.59 -0.54
C GLU A 240 24.52 -11.97 -1.47
N ILE A 241 25.78 -12.31 -1.25
CA ILE A 241 26.87 -11.86 -2.10
C ILE A 241 27.07 -12.90 -3.18
N LEU A 242 26.84 -12.52 -4.44
CA LEU A 242 27.06 -13.44 -5.57
C LEU A 242 28.50 -13.37 -6.07
N ILE A 243 29.13 -14.52 -6.20
CA ILE A 243 30.54 -14.57 -6.57
C ILE A 243 30.70 -15.18 -7.95
N ASP A 244 31.21 -14.40 -8.90
CA ASP A 244 31.39 -14.88 -10.26
C ASP A 244 32.39 -14.00 -10.99
N PRO A 245 33.68 -14.34 -10.87
CA PRO A 245 34.73 -13.53 -11.50
C PRO A 245 34.61 -13.49 -13.02
N GLU A 246 33.84 -14.41 -13.59
CA GLU A 246 33.69 -14.49 -15.04
C GLU A 246 32.55 -13.64 -15.58
N SER A 247 31.86 -12.93 -14.69
CA SER A 247 30.74 -12.10 -15.10
C SER A 247 31.22 -10.69 -15.47
N GLN A 248 30.36 -9.92 -16.14
CA GLN A 248 30.66 -8.55 -16.54
C GLN A 248 31.19 -7.71 -15.38
N VAL A 249 30.48 -7.75 -14.25
CA VAL A 249 30.86 -6.95 -13.10
C VAL A 249 31.93 -7.66 -12.27
N GLY A 250 31.77 -8.98 -12.11
CA GLY A 250 32.71 -9.77 -11.34
C GLY A 250 34.15 -9.61 -11.83
N THR A 251 34.34 -9.56 -13.14
CA THR A 251 35.69 -9.42 -13.70
C THR A 251 36.38 -8.14 -13.20
N THR A 252 35.59 -7.09 -12.94
CA THR A 252 36.17 -5.82 -12.49
C THR A 252 36.32 -5.74 -10.97
N ASP A 253 35.84 -6.75 -10.27
CA ASP A 253 35.74 -6.69 -8.80
C ASP A 253 36.91 -7.41 -8.11
N ARG A 254 37.39 -6.84 -7.02
CA ARG A 254 38.59 -7.35 -6.35
CA ARG A 254 38.59 -7.35 -6.34
C ARG A 254 38.39 -8.72 -5.71
N ALA A 255 37.14 -9.09 -5.46
CA ALA A 255 36.83 -10.40 -4.89
C ALA A 255 36.01 -11.22 -5.88
N GLY A 256 35.83 -10.67 -7.07
CA GLY A 256 35.06 -11.32 -8.10
C GLY A 256 33.56 -11.27 -7.84
N VAL A 257 33.13 -10.37 -6.95
CA VAL A 257 31.70 -10.23 -6.63
C VAL A 257 30.91 -9.72 -7.83
N LYS A 258 29.79 -10.38 -8.11
CA LYS A 258 28.95 -10.08 -9.26
C LYS A 258 27.78 -9.18 -8.90
N ASP A 259 27.25 -9.37 -7.69
CA ASP A 259 26.07 -8.62 -7.26
C ASP A 259 25.86 -8.86 -5.79
N VAL A 260 25.01 -8.06 -5.19
CA VAL A 260 24.55 -8.28 -3.84
C VAL A 260 23.02 -8.26 -3.87
N ILE A 261 22.43 -9.38 -3.51
CA ILE A 261 20.98 -9.55 -3.57
C ILE A 261 20.42 -9.26 -2.19
N LEU A 262 19.38 -8.45 -2.11
CA LEU A 262 18.75 -8.17 -0.82
C LEU A 262 17.38 -8.82 -0.73
N GLU A 263 17.09 -9.42 0.43
CA GLU A 263 15.72 -9.82 0.72
C GLU A 263 14.96 -8.52 0.86
N SER A 264 13.96 -8.31 0.00
CA SER A 264 13.43 -6.97 -0.21
C SER A 264 11.96 -6.82 0.15
N ALA A 265 11.08 -7.23 -0.74
CA ALA A 265 9.65 -7.13 -0.46
C ALA A 265 9.23 -8.36 0.32
N ILE A 266 9.25 -8.24 1.65
CA ILE A 266 8.95 -9.36 2.52
C ILE A 266 7.50 -9.79 2.30
N THR A 267 6.60 -8.80 2.26
CA THR A 267 5.19 -9.03 1.98
C THR A 267 4.74 -8.11 0.86
N THR A 268 3.68 -8.52 0.15
CA THR A 268 3.11 -7.73 -0.93
C THR A 268 1.59 -7.69 -0.76
N ILE A 269 1.01 -6.51 -1.02
CA ILE A 269 -0.43 -6.34 -0.97
C ILE A 269 -0.98 -6.31 -2.39
N MET A 270 -1.69 -7.37 -2.77
CA MET A 270 -2.32 -7.44 -4.08
C MET A 270 -3.61 -6.62 -4.01
N ASP A 271 -3.67 -5.53 -4.77
CA ASP A 271 -4.67 -4.49 -4.49
C ASP A 271 -5.90 -4.52 -5.40
N PHE A 272 -7.08 -4.69 -4.81
CA PHE A 272 -8.35 -4.55 -5.53
C PHE A 272 -8.96 -3.15 -5.32
N GLU A 273 -8.33 -2.34 -4.47
CA GLU A 273 -8.91 -1.03 -4.13
C GLU A 273 -8.29 0.14 -4.91
N ASP A 274 -7.55 1.02 -4.23
CA ASP A 274 -7.25 2.35 -4.79
C ASP A 274 -6.30 2.40 -5.99
N SER A 275 -5.54 1.34 -6.22
CA SER A 275 -4.66 1.33 -7.39
C SER A 275 -5.26 0.66 -8.64
N VAL A 276 -6.53 0.26 -8.59
CA VAL A 276 -7.17 -0.36 -9.77
C VAL A 276 -8.51 0.26 -10.11
N ALA A 277 -8.88 0.18 -11.39
CA ALA A 277 -10.18 0.63 -11.88
C ALA A 277 -11.03 -0.55 -12.28
N ALA A 278 -12.00 -0.90 -11.45
CA ALA A 278 -12.84 -2.05 -11.74
C ALA A 278 -14.29 -1.72 -11.43
N VAL A 279 -15.10 -1.53 -12.47
CA VAL A 279 -16.43 -0.93 -12.28
C VAL A 279 -17.58 -1.85 -12.69
N ASP A 280 -17.27 -3.09 -13.01
CA ASP A 280 -18.29 -4.05 -13.40
C ASP A 280 -17.75 -5.47 -13.28
N ALA A 281 -18.59 -6.45 -13.62
CA ALA A 281 -18.23 -7.86 -13.47
C ALA A 281 -17.01 -8.26 -14.30
N ALA A 282 -16.88 -7.72 -15.49
CA ALA A 282 -15.73 -8.06 -16.33
C ALA A 282 -14.45 -7.60 -15.65
N ASP A 283 -14.44 -6.40 -15.09
CA ASP A 283 -13.25 -5.90 -14.42
C ASP A 283 -12.93 -6.69 -13.15
N LYS A 284 -13.95 -6.97 -12.35
CA LYS A 284 -13.75 -7.71 -11.12
C LYS A 284 -13.19 -9.10 -11.43
N VAL A 285 -13.69 -9.73 -12.51
CA VAL A 285 -13.23 -11.07 -12.86
C VAL A 285 -11.76 -11.09 -13.32
N LEU A 286 -11.35 -10.09 -14.10
CA LEU A 286 -9.94 -9.98 -14.45
C LEU A 286 -9.07 -9.95 -13.20
N GLY A 287 -9.49 -9.15 -12.21
CA GLY A 287 -8.77 -9.07 -10.95
C GLY A 287 -8.79 -10.37 -10.17
N TYR A 288 -9.97 -10.91 -9.94
CA TYR A 288 -10.12 -12.19 -9.25
C TYR A 288 -9.29 -13.30 -9.90
N ARG A 289 -9.29 -13.35 -11.24
CA ARG A 289 -8.52 -14.38 -11.96
C ARG A 289 -7.02 -14.25 -11.72
N ASN A 290 -6.51 -13.03 -11.67
CA ASN A 290 -5.11 -12.83 -11.33
C ASN A 290 -4.80 -13.28 -9.89
N TRP A 291 -5.65 -12.86 -8.96
CA TRP A 291 -5.53 -13.26 -7.56
C TRP A 291 -5.57 -14.78 -7.47
N LEU A 292 -6.40 -15.41 -8.29
CA LEU A 292 -6.49 -16.87 -8.32
C LEU A 292 -5.19 -17.51 -8.80
N GLY A 293 -4.68 -17.03 -9.94
CA GLY A 293 -3.43 -17.53 -10.48
C GLY A 293 -2.27 -17.36 -9.51
N LEU A 294 -2.27 -16.26 -8.77
CA LEU A 294 -1.23 -16.03 -7.76
C LEU A 294 -1.31 -17.08 -6.65
N ASN A 295 -2.53 -17.35 -6.18
CA ASN A 295 -2.71 -18.33 -5.12
C ASN A 295 -2.51 -19.78 -5.56
N LYS A 296 -2.82 -20.09 -6.81
CA LYS A 296 -2.57 -21.43 -7.34
C LYS A 296 -1.13 -21.58 -7.83
N GLY A 297 -0.44 -20.46 -7.99
CA GLY A 297 0.96 -20.47 -8.39
C GLY A 297 1.15 -20.63 -9.89
N ASP A 298 0.07 -20.54 -10.65
CA ASP A 298 0.15 -20.74 -12.08
C ASP A 298 -0.14 -19.49 -12.91
N LEU A 299 -0.11 -18.31 -12.28
CA LEU A 299 -0.20 -17.07 -13.04
C LEU A 299 1.04 -16.94 -13.91
N ALA A 300 0.82 -16.63 -15.18
CA ALA A 300 1.93 -16.47 -16.13
C ALA A 300 1.57 -15.41 -17.16
N ALA A 301 2.45 -14.43 -17.35
CA ALA A 301 2.22 -13.37 -18.33
C ALA A 301 3.00 -13.59 -19.63
N PHE A 310 8.43 -14.41 -23.97
CA PHE A 310 8.67 -15.57 -23.10
C PHE A 310 7.41 -15.86 -22.30
N LEU A 311 7.59 -16.18 -21.03
CA LEU A 311 6.49 -16.36 -20.10
C LEU A 311 6.98 -16.10 -18.68
N ARG A 312 6.53 -14.99 -18.11
CA ARG A 312 6.90 -14.62 -16.77
C ARG A 312 6.12 -15.48 -15.77
N VAL A 313 6.83 -16.13 -14.85
CA VAL A 313 6.20 -16.97 -13.84
C VAL A 313 6.67 -16.65 -12.40
N LEU A 314 6.01 -17.26 -11.43
CA LEU A 314 6.39 -17.15 -10.03
C LEU A 314 7.67 -17.94 -9.73
N ASN A 315 8.55 -17.35 -8.93
CA ASN A 315 9.80 -17.97 -8.53
C ASN A 315 9.65 -19.12 -7.55
N ARG A 316 10.58 -20.07 -7.62
CA ARG A 316 10.63 -21.17 -6.67
C ARG A 316 11.39 -20.70 -5.43
N ASP A 317 11.31 -21.47 -4.35
CA ASP A 317 12.09 -21.20 -3.16
C ASP A 317 13.59 -21.34 -3.45
N ARG A 318 14.42 -20.74 -2.61
CA ARG A 318 15.86 -20.70 -2.85
C ARG A 318 16.59 -21.72 -2.00
N ASN A 319 17.49 -22.48 -2.62
CA ASN A 319 18.27 -23.51 -1.92
C ASN A 319 19.66 -23.03 -1.45
N TYR A 320 19.96 -23.33 -0.19
CA TYR A 320 21.25 -22.97 0.38
C TYR A 320 21.91 -24.14 1.10
N THR A 321 23.20 -23.98 1.35
CA THR A 321 23.94 -24.88 2.22
C THR A 321 24.18 -24.16 3.55
N ALA A 322 23.78 -24.80 4.64
CA ALA A 322 24.01 -24.26 5.98
C ALA A 322 25.52 -24.14 6.27
N PRO A 323 25.90 -23.31 7.25
CA PRO A 323 27.32 -23.15 7.57
C PRO A 323 28.00 -24.50 7.83
N GLY A 324 27.35 -25.35 8.61
CA GLY A 324 27.88 -26.64 8.99
C GLY A 324 27.88 -27.64 7.86
N GLY A 325 27.13 -27.35 6.81
CA GLY A 325 27.13 -28.19 5.63
C GLY A 325 25.80 -28.83 5.26
N GLY A 326 24.82 -28.80 6.16
CA GLY A 326 23.48 -29.27 5.85
C GLY A 326 22.75 -28.40 4.82
N GLN A 327 21.53 -28.78 4.46
CA GLN A 327 20.78 -28.03 3.45
C GLN A 327 19.58 -27.33 4.07
N PHE A 328 19.14 -26.23 3.44
CA PHE A 328 17.91 -25.57 3.84
C PHE A 328 17.38 -24.69 2.70
N THR A 329 16.16 -24.20 2.86
CA THR A 329 15.52 -23.37 1.85
CA THR A 329 15.54 -23.35 1.84
C THR A 329 15.01 -22.08 2.45
N LEU A 330 14.85 -21.06 1.61
CA LEU A 330 14.25 -19.80 2.04
C LEU A 330 13.14 -19.47 1.04
N PRO A 331 12.09 -18.80 1.53
CA PRO A 331 10.95 -18.38 0.69
C PRO A 331 11.45 -17.58 -0.50
N GLY A 332 11.03 -17.94 -1.69
CA GLY A 332 11.42 -17.21 -2.89
C GLY A 332 10.41 -16.14 -3.27
N ARG A 333 9.26 -16.15 -2.60
CA ARG A 333 8.19 -15.22 -2.95
C ARG A 333 7.81 -14.35 -1.77
N SER A 334 7.28 -13.17 -2.08
CA SER A 334 6.74 -12.27 -1.08
C SER A 334 5.48 -12.92 -0.52
N LEU A 335 5.26 -12.84 0.79
CA LEU A 335 4.02 -13.34 1.39
C LEU A 335 2.88 -12.38 1.05
N MET A 336 1.77 -12.89 0.48
CA MET A 336 0.73 -12.01 -0.08
C MET A 336 -0.45 -11.66 0.83
N PHE A 337 -0.76 -10.37 0.90
CA PHE A 337 -2.04 -9.90 1.41
C PHE A 337 -2.91 -9.61 0.20
N VAL A 338 -4.22 -9.46 0.40
CA VAL A 338 -5.07 -8.91 -0.64
C VAL A 338 -5.77 -7.70 -0.04
N ARG A 339 -5.82 -6.58 -0.75
CA ARG A 339 -6.61 -5.47 -0.23
C ARG A 339 -7.97 -5.45 -0.89
N ASN A 340 -9.01 -5.73 -0.10
CA ASN A 340 -10.39 -5.67 -0.54
C ASN A 340 -10.84 -4.21 -0.59
N VAL A 341 -11.90 -3.88 -1.32
CA VAL A 341 -12.45 -2.52 -1.19
C VAL A 341 -13.15 -2.37 0.18
N GLY A 342 -13.43 -1.14 0.57
CA GLY A 342 -14.05 -0.85 1.85
C GLY A 342 -15.56 -0.87 1.82
N HIS A 343 -16.20 -0.24 2.80
CA HIS A 343 -17.63 -0.41 3.03
C HIS A 343 -18.53 0.40 2.09
N LEU A 344 -17.95 1.36 1.38
CA LEU A 344 -18.78 2.33 0.64
C LEU A 344 -19.54 1.77 -0.57
N MET A 345 -18.80 1.22 -1.53
CA MET A 345 -19.31 1.11 -2.91
C MET A 345 -20.16 -0.11 -3.13
N THR A 346 -21.07 -0.02 -4.08
CA THR A 346 -21.75 -1.19 -4.59
C THR A 346 -21.22 -1.40 -5.99
N ASN A 347 -21.58 -2.54 -6.59
CA ASN A 347 -21.12 -2.89 -7.92
C ASN A 347 -22.16 -3.77 -8.60
N ASP A 348 -22.48 -3.48 -9.86
CA ASP A 348 -23.57 -4.19 -10.51
C ASP A 348 -23.18 -5.59 -10.98
N ALA A 349 -21.98 -6.05 -10.64
CA ALA A 349 -21.58 -7.42 -10.93
C ALA A 349 -22.63 -8.34 -10.34
N ILE A 350 -23.27 -7.88 -9.28
CA ILE A 350 -24.43 -8.56 -8.76
C ILE A 350 -25.49 -7.54 -8.39
N VAL A 351 -26.73 -7.79 -8.80
CA VAL A 351 -27.86 -6.95 -8.40
C VAL A 351 -28.95 -7.79 -7.78
N ASP A 352 -29.84 -7.17 -7.01
CA ASP A 352 -30.97 -7.90 -6.46
C ASP A 352 -32.21 -7.78 -7.34
N THR A 353 -33.32 -8.33 -6.89
CA THR A 353 -34.53 -8.36 -7.71
C THR A 353 -35.12 -6.95 -7.96
N ASP A 354 -34.74 -5.97 -7.15
CA ASP A 354 -35.15 -4.60 -7.38
C ASP A 354 -34.23 -3.89 -8.38
N GLY A 355 -33.15 -4.56 -8.77
CA GLY A 355 -32.16 -3.91 -9.61
C GLY A 355 -31.11 -3.17 -8.79
N SER A 356 -31.16 -3.31 -7.46
CA SER A 356 -30.18 -2.66 -6.60
C SER A 356 -28.83 -3.38 -6.62
N GLU A 357 -27.76 -2.62 -6.78
CA GLU A 357 -26.41 -3.20 -6.79
C GLU A 357 -26.00 -3.72 -5.42
N VAL A 358 -25.18 -4.76 -5.40
CA VAL A 358 -24.71 -5.35 -4.15
C VAL A 358 -23.43 -4.69 -3.63
N PHE A 359 -23.29 -4.59 -2.30
CA PHE A 359 -22.09 -3.98 -1.72
C PHE A 359 -20.82 -4.74 -2.14
N GLU A 360 -19.86 -4.01 -2.67
CA GLU A 360 -18.65 -4.58 -3.23
C GLU A 360 -17.72 -5.19 -2.18
N GLY A 361 -17.62 -4.56 -1.01
CA GLY A 361 -16.77 -5.07 0.05
C GLY A 361 -17.24 -6.45 0.48
N ILE A 362 -18.55 -6.64 0.57
CA ILE A 362 -19.11 -7.94 0.89
C ILE A 362 -18.72 -8.98 -0.15
N MET A 363 -18.86 -8.62 -1.43
CA MET A 363 -18.45 -9.51 -2.50
C MET A 363 -16.95 -9.84 -2.45
N ASP A 364 -16.12 -8.83 -2.19
CA ASP A 364 -14.67 -9.09 -2.14
C ASP A 364 -14.34 -10.08 -1.04
N ALA A 365 -14.98 -9.93 0.12
CA ALA A 365 -14.73 -10.85 1.24
C ALA A 365 -15.04 -12.29 0.83
N LEU A 366 -16.24 -12.49 0.29
CA LEU A 366 -16.65 -13.80 -0.22
C LEU A 366 -15.74 -14.33 -1.32
N PHE A 367 -15.52 -13.54 -2.36
CA PHE A 367 -14.73 -14.03 -3.49
C PHE A 367 -13.20 -14.07 -3.28
N THR A 368 -12.59 -13.04 -2.69
CA THR A 368 -11.14 -13.08 -2.50
C THR A 368 -10.76 -14.09 -1.41
N GLY A 369 -11.66 -14.26 -0.44
CA GLY A 369 -11.50 -15.26 0.59
C GLY A 369 -11.62 -16.66 0.03
N LEU A 370 -12.60 -16.88 -0.85
CA LEU A 370 -12.72 -18.16 -1.52
C LEU A 370 -11.43 -18.50 -2.27
N ILE A 371 -11.00 -17.56 -3.09
CA ILE A 371 -9.82 -17.74 -3.92
C ILE A 371 -8.56 -17.98 -3.08
N ALA A 372 -8.47 -17.29 -1.94
CA ALA A 372 -7.31 -17.40 -1.08
C ALA A 372 -7.12 -18.82 -0.53
N ILE A 373 -8.17 -19.63 -0.53
CA ILE A 373 -8.05 -21.01 -0.05
C ILE A 373 -6.97 -21.75 -0.85
N HIS A 374 -6.91 -21.47 -2.15
CA HIS A 374 -5.89 -22.08 -2.98
C HIS A 374 -4.45 -21.80 -2.51
N GLY A 375 -4.26 -20.66 -1.87
CA GLY A 375 -2.93 -20.28 -1.43
C GLY A 375 -2.56 -20.99 -0.15
N LEU A 376 -3.52 -21.71 0.44
CA LEU A 376 -3.26 -22.51 1.64
C LEU A 376 -2.95 -23.96 1.29
N LYS A 377 -2.87 -24.26 0.01
CA LYS A 377 -2.57 -25.61 -0.42
C LYS A 377 -1.58 -25.70 -1.57
N ALA A 378 -1.08 -26.90 -1.80
CA ALA A 378 -0.01 -27.16 -2.76
C ALA A 378 -0.39 -26.70 -4.16
N SER A 379 0.55 -26.00 -4.79
CA SER A 379 0.44 -25.61 -6.18
C SER A 379 0.98 -26.74 -7.05
N ASP A 380 0.14 -27.25 -7.95
CA ASP A 380 0.52 -28.31 -8.88
C ASP A 380 1.84 -28.02 -9.61
N LEU A 385 5.19 -23.21 -2.20
CA LEU A 385 3.94 -23.35 -2.92
C LEU A 385 2.81 -22.73 -2.09
N ILE A 386 3.06 -22.58 -0.81
CA ILE A 386 1.97 -22.16 0.08
C ILE A 386 2.12 -20.72 0.55
N ASN A 387 1.22 -19.84 0.09
CA ASN A 387 1.24 -18.48 0.62
C ASN A 387 1.42 -18.54 2.13
N SER A 388 0.35 -18.86 2.86
CA SER A 388 0.44 -18.92 4.31
C SER A 388 0.63 -20.36 4.81
N ARG A 389 1.83 -20.70 5.28
CA ARG A 389 2.04 -22.04 5.85
C ARG A 389 1.32 -22.19 7.19
N THR A 390 1.08 -21.07 7.88
CA THR A 390 0.44 -21.14 9.17
C THR A 390 -1.09 -21.15 9.10
N GLY A 391 -1.64 -21.09 7.89
CA GLY A 391 -3.06 -21.24 7.67
C GLY A 391 -3.93 -19.98 7.78
N SER A 392 -3.38 -18.82 7.47
CA SER A 392 -4.15 -17.57 7.52
C SER A 392 -4.40 -17.01 6.13
N ILE A 393 -5.49 -16.24 6.01
CA ILE A 393 -5.80 -15.48 4.81
C ILE A 393 -5.68 -14.00 5.21
N TYR A 394 -4.84 -13.25 4.50
CA TYR A 394 -4.52 -11.88 4.95
C TYR A 394 -5.22 -10.81 4.12
N ILE A 395 -6.25 -10.19 4.69
CA ILE A 395 -7.03 -9.19 3.95
C ILE A 395 -6.86 -7.80 4.53
N VAL A 396 -6.39 -6.87 3.69
CA VAL A 396 -6.35 -5.46 4.10
C VAL A 396 -7.74 -4.86 3.91
N LYS A 397 -8.25 -4.22 4.96
CA LYS A 397 -9.56 -3.58 4.89
C LYS A 397 -9.36 -2.07 5.01
N PRO A 398 -9.58 -1.35 3.91
CA PRO A 398 -9.34 0.09 3.88
C PRO A 398 -10.56 0.92 4.27
N LYS A 399 -10.32 2.20 4.57
CA LYS A 399 -11.36 3.22 4.68
C LYS A 399 -12.45 2.96 5.72
N MET A 400 -12.10 2.32 6.82
CA MET A 400 -13.08 2.13 7.90
C MET A 400 -13.10 3.36 8.80
N HIS A 401 -14.28 3.68 9.32
CA HIS A 401 -14.47 4.85 10.18
C HIS A 401 -15.00 4.39 11.52
N GLY A 402 -14.10 4.18 12.47
CA GLY A 402 -14.54 3.90 13.84
C GLY A 402 -14.71 2.42 14.14
N PRO A 403 -14.84 2.08 15.43
CA PRO A 403 -14.81 0.69 15.87
C PRO A 403 -16.04 -0.15 15.47
N ALA A 404 -17.22 0.48 15.36
CA ALA A 404 -18.39 -0.25 14.84
C ALA A 404 -18.14 -0.78 13.43
N GLU A 405 -17.45 0.01 12.61
CA GLU A 405 -17.14 -0.43 11.25
C GLU A 405 -16.12 -1.58 11.24
N VAL A 406 -15.19 -1.55 12.17
CA VAL A 406 -14.27 -2.68 12.34
C VAL A 406 -15.02 -3.94 12.81
N ALA A 407 -15.93 -3.75 13.76
CA ALA A 407 -16.76 -4.85 14.24
C ALA A 407 -17.56 -5.47 13.10
N PHE A 408 -18.07 -4.61 12.21
CA PHE A 408 -18.84 -5.10 11.08
C PHE A 408 -17.95 -5.99 10.20
N THR A 409 -16.74 -5.52 9.90
CA THR A 409 -15.78 -6.31 9.13
C THR A 409 -15.50 -7.66 9.79
N CYS A 410 -15.35 -7.66 11.11
CA CYS A 410 -15.16 -8.89 11.88
CA CYS A 410 -15.16 -8.91 11.83
C CYS A 410 -16.32 -9.86 11.61
N GLU A 411 -17.55 -9.38 11.77
CA GLU A 411 -18.72 -10.21 11.56
C GLU A 411 -18.84 -10.69 10.11
N LEU A 412 -18.51 -9.82 9.16
CA LEU A 412 -18.51 -10.20 7.75
C LEU A 412 -17.57 -11.38 7.48
N PHE A 413 -16.35 -11.28 7.99
CA PHE A 413 -15.34 -12.33 7.82
C PHE A 413 -15.77 -13.63 8.50
N SER A 414 -16.37 -13.50 9.69
CA SER A 414 -16.88 -14.66 10.41
C SER A 414 -17.94 -15.40 9.59
N ARG A 415 -18.89 -14.67 9.04
CA ARG A 415 -19.93 -15.23 8.19
C ARG A 415 -19.37 -15.84 6.90
N VAL A 416 -18.34 -15.22 6.33
CA VAL A 416 -17.72 -15.76 5.12
C VAL A 416 -16.99 -17.07 5.45
N GLU A 417 -16.27 -17.08 6.56
CA GLU A 417 -15.60 -18.28 7.04
C GLU A 417 -16.59 -19.46 7.11
N ASP A 418 -17.76 -19.22 7.68
CA ASP A 418 -18.81 -20.22 7.73
C ASP A 418 -19.22 -20.69 6.34
N VAL A 419 -19.40 -19.76 5.40
CA VAL A 419 -19.78 -20.16 4.05
C VAL A 419 -18.68 -20.97 3.39
N LEU A 420 -17.43 -20.61 3.68
CA LEU A 420 -16.30 -21.27 3.03
C LEU A 420 -15.85 -22.53 3.78
N GLY A 421 -16.46 -22.78 4.94
CA GLY A 421 -16.10 -23.95 5.73
C GLY A 421 -14.70 -23.84 6.29
N LEU A 422 -14.25 -22.61 6.48
CA LEU A 422 -12.95 -22.33 7.07
C LEU A 422 -13.08 -22.18 8.58
N PRO A 423 -12.03 -22.54 9.33
CA PRO A 423 -12.10 -22.26 10.77
C PRO A 423 -12.31 -20.78 11.02
N GLN A 424 -12.97 -20.46 12.13
CA GLN A 424 -13.11 -19.07 12.57
C GLN A 424 -11.74 -18.41 12.73
N ASN A 425 -11.66 -17.15 12.33
CA ASN A 425 -10.45 -16.34 12.47
C ASN A 425 -9.34 -16.73 11.52
N THR A 426 -9.68 -17.49 10.49
CA THR A 426 -8.74 -17.76 9.41
C THR A 426 -8.43 -16.46 8.68
N MET A 427 -9.49 -15.70 8.40
CA MET A 427 -9.38 -14.46 7.65
C MET A 427 -8.93 -13.31 8.55
N LYS A 428 -7.69 -12.90 8.37
CA LYS A 428 -7.08 -11.88 9.19
C LYS A 428 -7.26 -10.48 8.58
N ILE A 429 -7.17 -9.46 9.41
CA ILE A 429 -7.41 -8.09 8.96
C ILE A 429 -6.19 -7.20 9.11
N GLY A 430 -5.76 -6.61 8.00
CA GLY A 430 -4.84 -5.49 8.06
C GLY A 430 -5.66 -4.22 8.13
N ILE A 431 -5.58 -3.52 9.25
CA ILE A 431 -6.41 -2.35 9.45
C ILE A 431 -5.74 -1.09 8.92
N MET A 432 -6.37 -0.43 7.94
CA MET A 432 -5.90 0.87 7.53
C MET A 432 -6.35 1.86 8.58
N ASP A 433 -5.41 2.63 9.10
CA ASP A 433 -5.76 3.78 9.92
C ASP A 433 -5.60 4.96 8.96
N GLU A 434 -6.69 5.31 8.29
CA GLU A 434 -6.66 6.29 7.21
C GLU A 434 -7.94 7.12 7.15
N GLU A 435 -8.71 7.11 8.22
CA GLU A 435 -9.87 7.97 8.38
C GLU A 435 -9.86 8.55 9.79
N ARG A 436 -10.28 9.80 9.92
CA ARG A 436 -10.17 10.52 11.19
C ARG A 436 -10.91 9.81 12.32
N ARG A 437 -12.08 9.27 12.04
CA ARG A 437 -12.85 8.64 13.12
C ARG A 437 -12.24 7.31 13.56
N THR A 438 -11.35 6.76 12.75
CA THR A 438 -10.58 5.61 13.20
C THR A 438 -9.39 6.07 14.05
N THR A 439 -8.67 7.06 13.55
CA THR A 439 -7.52 7.64 14.25
C THR A 439 -7.82 7.96 15.71
N VAL A 440 -8.92 8.67 15.96
CA VAL A 440 -9.23 9.14 17.30
C VAL A 440 -9.90 8.06 18.15
N ASN A 441 -10.24 6.93 17.52
CA ASN A 441 -10.77 5.79 18.26
C ASN A 441 -9.94 4.53 18.02
N LEU A 442 -8.64 4.72 17.80
CA LEU A 442 -7.81 3.64 17.27
C LEU A 442 -7.76 2.44 18.22
N LYS A 443 -7.53 2.70 19.49
CA LYS A 443 -7.43 1.62 20.47
C LYS A 443 -8.68 0.75 20.42
N ALA A 444 -9.84 1.39 20.38
CA ALA A 444 -11.12 0.69 20.28
C ALA A 444 -11.23 -0.09 18.97
N CYS A 445 -10.72 0.49 17.89
CA CYS A 445 -10.76 -0.23 16.61
C CYS A 445 -9.94 -1.52 16.65
N ILE A 446 -8.71 -1.43 17.17
CA ILE A 446 -7.84 -2.59 17.33
C ILE A 446 -8.54 -3.64 18.19
N LYS A 447 -9.17 -3.18 19.26
CA LYS A 447 -9.90 -4.08 20.16
C LYS A 447 -11.02 -4.82 19.43
N ALA A 448 -11.70 -4.11 18.54
CA ALA A 448 -12.85 -4.73 17.88
C ALA A 448 -12.40 -5.88 16.97
N ALA A 449 -11.10 -5.93 16.68
CA ALA A 449 -10.53 -6.97 15.84
C ALA A 449 -9.36 -7.66 16.57
N ALA A 450 -9.42 -7.70 17.90
CA ALA A 450 -8.31 -8.20 18.71
C ALA A 450 -7.83 -9.61 18.36
N ASP A 451 -8.68 -10.42 17.72
CA ASP A 451 -8.27 -11.77 17.40
C ASP A 451 -8.06 -11.98 15.90
N ARG A 452 -8.20 -10.90 15.13
CA ARG A 452 -8.00 -11.00 13.69
C ARG A 452 -6.90 -10.08 13.16
N VAL A 453 -6.49 -9.09 13.94
CA VAL A 453 -5.63 -8.02 13.39
C VAL A 453 -4.19 -8.51 13.16
N VAL A 454 -3.68 -8.29 11.95
CA VAL A 454 -2.29 -8.61 11.60
C VAL A 454 -1.47 -7.36 11.29
N PHE A 455 -2.13 -6.23 11.08
CA PHE A 455 -1.44 -4.95 11.06
C PHE A 455 -2.34 -3.76 11.29
N ILE A 456 -1.73 -2.63 11.66
CA ILE A 456 -2.35 -1.32 11.48
C ILE A 456 -1.38 -0.58 10.61
N ASN A 457 -1.88 0.33 9.78
CA ASN A 457 -1.03 1.09 8.89
C ASN A 457 -1.59 2.48 8.68
N THR A 458 -0.73 3.49 8.74
CA THR A 458 -1.20 4.86 8.55
C THR A 458 -1.29 5.16 7.04
N GLY A 459 -2.47 5.00 6.47
CA GLY A 459 -2.68 5.39 5.08
C GLY A 459 -2.84 6.90 5.04
N PHE A 460 -1.71 7.59 5.09
CA PHE A 460 -1.68 9.03 5.30
C PHE A 460 -2.34 9.86 4.20
N LEU A 461 -2.43 9.30 3.00
CA LEU A 461 -3.02 10.04 1.90
C LEU A 461 -4.54 10.08 2.03
N ASP A 462 -5.18 8.92 2.15
CA ASP A 462 -6.60 8.91 2.45
C ASP A 462 -6.88 9.73 3.70
N ARG A 463 -6.03 9.56 4.71
CA ARG A 463 -6.22 10.25 5.98
C ARG A 463 -6.23 11.77 5.78
N THR A 464 -5.41 12.24 4.86
CA THR A 464 -5.36 13.66 4.55
C THR A 464 -6.65 14.10 3.85
N GLY A 465 -7.18 13.25 2.96
CA GLY A 465 -8.44 13.53 2.30
C GLY A 465 -9.57 13.64 3.30
N ASP A 466 -9.63 12.68 4.22
CA ASP A 466 -10.65 12.73 5.25
C ASP A 466 -10.50 13.97 6.15
N GLU A 467 -9.26 14.35 6.42
CA GLU A 467 -9.02 15.51 7.29
C GLU A 467 -9.67 16.75 6.67
N ILE A 468 -9.44 16.93 5.38
CA ILE A 468 -10.01 18.06 4.65
C ILE A 468 -11.53 18.01 4.58
N HIS A 469 -12.07 16.84 4.26
CA HIS A 469 -13.50 16.75 4.13
C HIS A 469 -14.21 16.94 5.45
N THR A 470 -13.64 16.40 6.52
CA THR A 470 -14.29 16.46 7.81
C THR A 470 -14.43 17.92 8.28
N SER A 471 -13.39 18.71 8.05
CA SER A 471 -13.41 20.09 8.50
C SER A 471 -13.64 21.07 7.36
N MET A 472 -14.28 20.58 6.29
CA MET A 472 -14.55 21.37 5.09
C MET A 472 -15.19 22.72 5.41
N GLU A 473 -16.12 22.73 6.36
CA GLU A 473 -16.83 23.95 6.73
C GLU A 473 -16.02 24.89 7.64
N ALA A 474 -14.92 24.40 8.22
CA ALA A 474 -14.18 25.19 9.22
C ALA A 474 -13.50 26.44 8.65
N GLY A 475 -13.01 26.36 7.42
CA GLY A 475 -12.26 27.43 6.80
C GLY A 475 -11.36 26.83 5.74
N PRO A 476 -10.56 27.66 5.06
CA PRO A 476 -9.62 27.18 4.03
C PRO A 476 -8.40 26.45 4.62
N MET A 477 -8.01 25.36 3.98
CA MET A 477 -6.92 24.51 4.46
C MET A 477 -5.57 24.95 3.90
N VAL A 478 -4.48 24.51 4.53
CA VAL A 478 -3.15 24.77 4.00
C VAL A 478 -2.96 24.01 2.69
N ARG A 479 -1.95 24.43 1.94
CA ARG A 479 -1.62 23.79 0.67
CA ARG A 479 -1.63 23.80 0.67
C ARG A 479 -1.32 22.31 0.82
N LYS A 480 -1.54 21.56 -0.25
CA LYS A 480 -1.30 20.12 -0.29
C LYS A 480 0.06 19.72 0.26
N GLY A 481 1.11 20.39 -0.20
CA GLY A 481 2.47 20.07 0.21
C GLY A 481 2.74 20.35 1.68
N THR A 482 1.99 21.29 2.24
CA THR A 482 2.14 21.68 3.63
C THR A 482 1.56 20.61 4.55
N MET A 483 0.57 19.88 4.04
CA MET A 483 -0.16 18.90 4.83
C MET A 483 0.71 17.83 5.43
N LYS A 484 1.73 17.41 4.70
CA LYS A 484 2.58 16.30 5.11
CA LYS A 484 2.57 16.31 5.11
C LYS A 484 3.34 16.60 6.40
N SER A 485 3.38 17.87 6.80
CA SER A 485 4.15 18.27 7.97
C SER A 485 3.32 19.01 9.04
N GLN A 486 2.01 19.00 8.88
CA GLN A 486 1.13 19.63 9.86
C GLN A 486 1.09 18.86 11.17
N PRO A 487 0.83 19.56 12.27
CA PRO A 487 0.72 18.93 13.59
C PRO A 487 -0.21 17.71 13.61
N TRP A 488 -1.41 17.81 13.05
CA TRP A 488 -2.35 16.70 13.12
C TRP A 488 -1.76 15.39 12.59
N ILE A 489 -0.99 15.48 11.50
CA ILE A 489 -0.50 14.27 10.85
C ILE A 489 0.69 13.67 11.58
N LEU A 490 1.54 14.53 12.11
CA LEU A 490 2.67 14.05 12.90
C LEU A 490 2.18 13.33 14.16
N ALA A 491 1.16 13.89 14.81
CA ALA A 491 0.55 13.26 15.98
C ALA A 491 -0.16 11.95 15.60
N TYR A 492 -0.83 11.96 14.46
CA TYR A 492 -1.47 10.76 13.94
C TYR A 492 -0.46 9.63 13.72
N GLU A 493 0.68 9.95 13.12
CA GLU A 493 1.73 8.95 12.91
C GLU A 493 2.21 8.33 14.23
N ASP A 494 2.53 9.18 15.21
CA ASP A 494 3.01 8.70 16.50
C ASP A 494 1.93 7.95 17.27
N HIS A 495 0.71 8.44 17.19
CA HIS A 495 -0.42 7.87 17.91
C HIS A 495 -0.67 6.45 17.42
N ASN A 496 -0.50 6.24 16.13
CA ASN A 496 -0.67 4.91 15.56
C ASN A 496 0.32 3.91 16.13
N VAL A 497 1.60 4.28 16.15
CA VAL A 497 2.64 3.46 16.73
C VAL A 497 2.41 3.21 18.22
N ASP A 498 2.06 4.25 18.97
CA ASP A 498 1.80 4.07 20.39
C ASP A 498 0.69 3.02 20.62
N ALA A 499 -0.41 3.14 19.89
CA ALA A 499 -1.56 2.25 20.08
C ALA A 499 -1.21 0.79 19.77
N GLY A 500 -0.48 0.59 18.68
CA GLY A 500 -0.11 -0.76 18.28
C GLY A 500 0.82 -1.40 19.31
N LEU A 501 1.85 -0.65 19.71
CA LEU A 501 2.77 -1.18 20.72
C LEU A 501 2.08 -1.46 22.05
N ALA A 502 1.13 -0.62 22.45
CA ALA A 502 0.44 -0.81 23.72
C ALA A 502 -0.49 -2.01 23.66
N ALA A 503 -0.94 -2.34 22.44
CA ALA A 503 -1.82 -3.48 22.25
C ALA A 503 -1.00 -4.76 22.08
N GLY A 504 0.32 -4.67 22.24
CA GLY A 504 1.18 -5.84 22.12
C GLY A 504 1.55 -6.25 20.70
N PHE A 505 1.64 -5.30 19.78
CA PHE A 505 1.94 -5.65 18.38
C PHE A 505 3.35 -6.24 18.19
N SER A 506 4.33 -5.75 18.95
CA SER A 506 5.70 -6.26 18.87
C SER A 506 5.71 -7.77 18.97
N GLY A 507 6.24 -8.41 17.93
CA GLY A 507 6.31 -9.86 17.89
C GLY A 507 5.02 -10.56 17.52
N ARG A 508 3.98 -9.78 17.21
CA ARG A 508 2.68 -10.37 16.89
C ARG A 508 2.02 -9.84 15.60
N ALA A 509 2.24 -8.57 15.29
CA ALA A 509 1.51 -7.92 14.20
C ALA A 509 2.31 -6.74 13.67
N GLN A 510 2.13 -6.38 12.41
CA GLN A 510 2.90 -5.28 11.84
C GLN A 510 2.42 -3.91 12.32
N VAL A 511 3.38 -3.00 12.52
CA VAL A 511 3.07 -1.59 12.66
C VAL A 511 3.63 -0.90 11.42
N GLY A 512 2.74 -0.41 10.56
CA GLY A 512 3.15 0.02 9.23
C GLY A 512 2.88 1.48 8.92
N LYS A 513 3.68 2.03 8.01
CA LYS A 513 3.50 3.41 7.55
C LYS A 513 3.42 3.47 6.03
N GLY A 514 3.24 4.66 5.50
CA GLY A 514 2.72 4.83 4.15
C GLY A 514 3.68 4.84 2.98
N MET A 515 3.12 5.15 1.82
CA MET A 515 3.73 4.98 0.51
C MET A 515 4.66 6.13 0.14
N TRP A 516 5.80 5.80 -0.45
CA TRP A 516 6.66 6.80 -1.07
C TRP A 516 6.18 6.94 -2.50
N THR A 517 5.75 8.13 -2.88
CA THR A 517 5.10 8.32 -4.17
C THR A 517 6.01 8.88 -5.26
N MET A 518 7.18 9.37 -4.89
CA MET A 518 8.07 9.97 -5.88
C MET A 518 8.99 8.90 -6.49
N THR A 519 8.46 8.23 -7.51
CA THR A 519 9.05 7.00 -8.02
C THR A 519 10.45 7.15 -8.62
N GLU A 520 10.83 8.35 -9.02
CA GLU A 520 12.15 8.56 -9.61
C GLU A 520 13.14 9.15 -8.61
N LEU A 521 12.65 9.66 -7.48
CA LEU A 521 13.53 10.26 -6.49
C LEU A 521 13.98 9.23 -5.45
N MET A 522 14.77 8.27 -5.88
CA MET A 522 15.23 7.20 -5.00
C MET A 522 16.31 7.66 -4.03
N ALA A 523 17.19 8.57 -4.46
CA ALA A 523 18.15 9.15 -3.54
C ALA A 523 17.41 9.79 -2.36
N ASP A 524 16.40 10.59 -2.68
CA ASP A 524 15.59 11.21 -1.65
C ASP A 524 14.88 10.18 -0.77
N MET A 525 14.37 9.11 -1.36
CA MET A 525 13.71 8.08 -0.57
C MET A 525 14.70 7.46 0.42
N VAL A 526 15.87 7.12 -0.10
CA VAL A 526 16.89 6.49 0.73
C VAL A 526 17.31 7.43 1.85
N GLU A 527 17.37 8.73 1.55
CA GLU A 527 17.72 9.70 2.58
C GLU A 527 16.60 9.90 3.60
N THR A 528 15.35 9.93 3.16
CA THR A 528 14.29 10.39 4.05
CA THR A 528 14.25 10.41 3.99
C THR A 528 13.42 9.31 4.67
N LYS A 529 13.15 8.24 3.95
CA LYS A 529 12.21 7.21 4.40
C LYS A 529 12.70 6.41 5.61
N ILE A 530 14.00 6.53 5.92
CA ILE A 530 14.55 5.88 7.10
C ILE A 530 13.82 6.34 8.37
N ALA A 531 13.18 7.51 8.30
CA ALA A 531 12.37 8.01 9.41
C ALA A 531 11.28 7.02 9.84
N GLN A 532 10.78 6.20 8.92
CA GLN A 532 9.68 5.31 9.27
C GLN A 532 10.09 4.20 10.24
N PRO A 533 11.11 3.40 9.90
CA PRO A 533 11.53 2.42 10.90
C PRO A 533 12.17 3.07 12.13
N ARG A 534 12.72 4.27 11.98
CA ARG A 534 13.23 4.98 13.16
C ARG A 534 12.10 5.34 14.10
N ALA A 535 10.90 5.46 13.53
CA ALA A 535 9.71 5.76 14.32
C ALA A 535 9.07 4.51 14.89
N GLY A 536 9.70 3.36 14.69
CA GLY A 536 9.19 2.11 15.25
C GLY A 536 8.26 1.33 14.34
N ALA A 537 8.16 1.74 13.08
CA ALA A 537 7.35 0.99 12.12
C ALA A 537 8.08 -0.26 11.67
N SER A 538 7.43 -1.42 11.76
CA SER A 538 8.08 -2.66 11.33
C SER A 538 7.90 -2.93 9.82
N THR A 539 7.15 -2.07 9.15
CA THR A 539 7.01 -2.12 7.70
C THR A 539 6.53 -0.79 7.18
N ALA A 540 6.74 -0.55 5.90
CA ALA A 540 6.23 0.66 5.24
C ALA A 540 6.13 0.41 3.75
N TRP A 541 5.28 1.19 3.07
CA TRP A 541 4.92 0.90 1.69
C TRP A 541 5.87 1.48 0.66
N VAL A 542 6.17 0.66 -0.34
CA VAL A 542 6.95 1.05 -1.50
C VAL A 542 6.13 0.73 -2.75
N PRO A 543 6.36 1.50 -3.82
CA PRO A 543 5.60 1.41 -5.08
C PRO A 543 6.15 0.39 -6.08
N SER A 544 7.36 -0.11 -5.89
CA SER A 544 7.99 -0.98 -6.89
C SER A 544 8.99 -1.94 -6.26
N PRO A 545 9.34 -3.03 -6.97
CA PRO A 545 10.38 -3.94 -6.49
C PRO A 545 11.71 -3.22 -6.31
N THR A 546 12.04 -2.27 -7.19
CA THR A 546 13.28 -1.50 -7.05
C THR A 546 13.26 -0.70 -5.74
N ALA A 547 12.16 -0.01 -5.47
CA ALA A 547 12.07 0.75 -4.23
C ALA A 547 12.03 -0.16 -3.00
N ALA A 548 11.51 -1.37 -3.14
CA ALA A 548 11.55 -2.35 -2.04
C ALA A 548 13.00 -2.69 -1.65
N THR A 549 13.84 -2.90 -2.66
CA THR A 549 15.22 -3.26 -2.41
C THR A 549 15.94 -2.09 -1.73
N LEU A 550 15.67 -0.87 -2.18
CA LEU A 550 16.34 0.29 -1.60
C LEU A 550 15.84 0.58 -0.19
N HIS A 551 14.54 0.44 0.03
CA HIS A 551 13.96 0.64 1.35
C HIS A 551 14.48 -0.42 2.34
N ALA A 552 14.78 -1.62 1.84
CA ALA A 552 15.33 -2.66 2.69
C ALA A 552 16.60 -2.17 3.40
N LEU A 553 17.41 -1.37 2.71
CA LEU A 553 18.59 -0.76 3.31
C LEU A 553 18.31 -0.16 4.69
N HIS A 554 17.16 0.50 4.83
CA HIS A 554 16.83 1.15 6.08
C HIS A 554 16.67 0.18 7.25
N TYR A 555 16.19 -1.03 6.96
CA TYR A 555 15.97 -2.00 8.03
C TYR A 555 17.26 -2.66 8.44
N HIS A 556 18.27 -2.54 7.61
CA HIS A 556 19.60 -2.99 8.00
C HIS A 556 20.27 -1.96 8.89
N GLN A 557 19.94 -0.69 8.69
CA GLN A 557 20.53 0.37 9.50
C GLN A 557 19.82 0.55 10.82
N VAL A 558 18.49 0.39 10.81
CA VAL A 558 17.69 0.61 12.00
C VAL A 558 17.24 -0.71 12.63
N ASP A 559 17.49 -0.88 13.92
CA ASP A 559 17.01 -2.07 14.63
C ASP A 559 15.58 -1.81 15.10
N VAL A 560 14.61 -2.03 14.21
CA VAL A 560 13.22 -1.75 14.54
C VAL A 560 12.75 -2.41 15.84
N ALA A 561 13.11 -3.67 16.05
CA ALA A 561 12.73 -4.36 17.29
C ALA A 561 13.18 -3.61 18.54
N ALA A 562 14.45 -3.20 18.56
CA ALA A 562 14.98 -2.38 19.65
C ALA A 562 14.27 -1.03 19.72
N VAL A 563 13.97 -0.42 18.58
CA VAL A 563 13.24 0.85 18.61
C VAL A 563 11.88 0.67 19.26
N GLN A 564 11.14 -0.34 18.83
CA GLN A 564 9.82 -0.60 19.44
C GLN A 564 9.94 -0.83 20.95
N GLN A 565 10.96 -1.59 21.35
CA GLN A 565 11.12 -1.88 22.76
C GLN A 565 11.34 -0.59 23.55
N GLY A 566 12.06 0.36 22.97
CA GLY A 566 12.37 1.60 23.63
C GLY A 566 11.17 2.53 23.73
N LEU A 567 10.21 2.34 22.83
CA LEU A 567 9.03 3.20 22.78
C LEU A 567 7.95 2.75 23.77
N ALA A 568 8.13 1.57 24.35
CA ALA A 568 7.14 0.96 25.22
C ALA A 568 6.68 1.89 26.33
N GLY A 569 5.37 1.99 26.51
CA GLY A 569 4.81 2.76 27.61
C GLY A 569 4.62 4.23 27.28
N LYS A 570 5.27 4.70 26.22
CA LYS A 570 5.23 6.12 25.89
C LYS A 570 3.89 6.54 25.26
N ARG A 571 3.46 7.75 25.58
CA ARG A 571 2.28 8.33 24.96
C ARG A 571 2.65 9.71 24.44
N ARG A 572 2.86 9.79 23.13
CA ARG A 572 3.52 10.93 22.53
C ARG A 572 2.58 11.85 21.74
N ALA A 573 1.30 11.48 21.68
CA ALA A 573 0.32 12.31 21.01
C ALA A 573 -0.94 12.38 21.86
N THR A 574 -1.46 13.59 22.02
CA THR A 574 -2.70 13.76 22.78
C THR A 574 -3.86 13.83 21.80
N ILE A 575 -5.07 13.67 22.33
CA ILE A 575 -6.28 13.83 21.52
C ILE A 575 -6.34 15.24 20.93
N GLU A 576 -5.96 16.25 21.70
CA GLU A 576 -5.98 17.64 21.22
C GLU A 576 -5.07 17.82 20.03
N GLN A 577 -3.91 17.21 20.08
CA GLN A 577 -3.00 17.25 18.94
C GLN A 577 -3.63 16.56 17.71
N LEU A 578 -4.25 15.40 17.93
CA LEU A 578 -4.90 14.70 16.83
C LEU A 578 -5.97 15.57 16.17
N LEU A 579 -6.64 16.39 16.97
CA LEU A 579 -7.79 17.16 16.49
C LEU A 579 -7.43 18.55 15.95
N THR A 580 -6.14 18.82 15.79
CA THR A 580 -5.70 20.14 15.36
C THR A 580 -5.92 20.32 13.86
N ILE A 581 -6.97 21.06 13.52
CA ILE A 581 -7.42 21.18 12.13
C ILE A 581 -6.43 22.00 11.31
N PRO A 582 -6.03 21.50 10.12
CA PRO A 582 -4.99 22.21 9.37
C PRO A 582 -5.47 23.48 8.62
N LEU A 583 -6.09 24.41 9.35
CA LEU A 583 -6.57 25.67 8.76
C LEU A 583 -5.40 26.58 8.40
N ALA A 584 -5.50 27.24 7.25
CA ALA A 584 -4.47 28.18 6.83
C ALA A 584 -4.62 29.48 7.61
N LYS A 585 -3.50 30.12 7.92
CA LYS A 585 -3.52 31.38 8.65
C LYS A 585 -4.05 32.49 7.74
N GLU A 586 -4.44 33.59 8.37
CA GLU A 586 -4.90 34.77 7.64
C GLU A 586 -3.85 35.23 6.62
N LEU A 587 -4.29 35.47 5.39
CA LEU A 587 -3.41 35.98 4.34
C LEU A 587 -2.12 35.17 4.27
N ALA A 588 -2.24 33.90 3.91
CA ALA A 588 -1.08 33.01 3.91
C ALA A 588 -0.37 32.93 2.56
N TRP A 589 -1.06 33.32 1.49
CA TRP A 589 -0.51 33.13 0.13
C TRP A 589 -0.66 34.32 -0.79
N ALA A 590 0.32 34.47 -1.68
CA ALA A 590 0.28 35.48 -2.72
C ALA A 590 -0.44 34.90 -3.91
N PRO A 591 -0.91 35.76 -4.83
CA PRO A 591 -1.63 35.28 -6.01
C PRO A 591 -0.86 34.21 -6.78
N ASP A 592 0.46 34.32 -6.82
CA ASP A 592 1.26 33.36 -7.59
C ASP A 592 1.32 31.98 -6.93
N GLU A 593 1.30 31.96 -5.60
CA GLU A 593 1.34 30.69 -4.86
C GLU A 593 0.00 29.96 -4.99
N ILE A 594 -1.08 30.73 -4.98
CA ILE A 594 -2.43 30.18 -5.16
C ILE A 594 -2.57 29.59 -6.55
N ARG A 595 -2.12 30.33 -7.56
CA ARG A 595 -2.13 29.82 -8.94
C ARG A 595 -1.33 28.52 -9.08
N GLU A 596 -0.17 28.47 -8.44
CA GLU A 596 0.65 27.26 -8.52
C GLU A 596 -0.10 26.05 -7.92
N GLU A 597 -0.68 26.25 -6.74
CA GLU A 597 -1.41 25.17 -6.08
C GLU A 597 -2.55 24.70 -6.96
N VAL A 598 -3.27 25.63 -7.57
CA VAL A 598 -4.37 25.26 -8.45
C VAL A 598 -3.92 24.45 -9.66
N ASP A 599 -2.95 24.98 -10.40
CA ASP A 599 -2.39 24.25 -11.54
C ASP A 599 -1.83 22.91 -11.09
N ASN A 600 -1.15 22.87 -9.94
CA ASN A 600 -0.55 21.61 -9.53
C ASN A 600 -1.61 20.53 -9.30
N ASN A 601 -2.65 20.90 -8.57
CA ASN A 601 -3.76 19.99 -8.35
C ASN A 601 -4.51 19.63 -9.61
N CYS A 602 -4.78 20.61 -10.49
CA CYS A 602 -5.52 20.30 -11.71
C CYS A 602 -4.72 19.38 -12.63
N GLN A 603 -3.43 19.63 -12.79
CA GLN A 603 -2.60 18.76 -13.61
C GLN A 603 -2.61 17.34 -13.04
N SER A 604 -2.44 17.20 -11.72
CA SER A 604 -2.40 15.86 -11.15
C SER A 604 -3.76 15.16 -11.29
N ILE A 605 -4.83 15.90 -11.07
CA ILE A 605 -6.17 15.32 -11.19
C ILE A 605 -6.42 14.86 -12.61
N LEU A 606 -6.13 15.72 -13.59
CA LEU A 606 -6.36 15.37 -14.98
C LEU A 606 -5.49 14.20 -15.46
N GLY A 607 -4.22 14.23 -15.09
CA GLY A 607 -3.31 13.17 -15.52
C GLY A 607 -3.78 11.81 -15.06
N TYR A 608 -4.25 11.75 -13.81
CA TYR A 608 -4.71 10.48 -13.24
C TYR A 608 -6.09 10.08 -13.80
N VAL A 609 -7.03 11.01 -13.74
CA VAL A 609 -8.41 10.75 -14.13
C VAL A 609 -8.54 10.33 -15.60
N VAL A 610 -7.76 10.96 -16.48
CA VAL A 610 -7.89 10.64 -17.91
C VAL A 610 -7.58 9.19 -18.19
N ARG A 611 -6.55 8.65 -17.52
CA ARG A 611 -6.20 7.25 -17.68
C ARG A 611 -7.15 6.31 -16.93
N TRP A 612 -7.74 6.80 -15.84
CA TRP A 612 -8.74 6.01 -15.11
C TRP A 612 -10.00 5.81 -15.97
N VAL A 613 -10.54 6.91 -16.47
CA VAL A 613 -11.81 6.89 -17.20
C VAL A 613 -11.74 6.32 -18.63
N ASP A 614 -10.71 6.69 -19.37
CA ASP A 614 -10.57 6.22 -20.76
C ASP A 614 -9.92 4.84 -20.89
N GLN A 615 -9.06 4.47 -19.94
CA GLN A 615 -8.31 3.22 -20.08
C GLN A 615 -8.44 2.25 -18.90
N GLY A 616 -9.16 2.67 -17.86
CA GLY A 616 -9.31 1.83 -16.69
C GLY A 616 -8.01 1.47 -16.01
N VAL A 617 -7.08 2.42 -16.00
CA VAL A 617 -5.84 2.30 -15.24
C VAL A 617 -6.00 3.05 -13.93
N GLY A 618 -5.83 2.35 -12.82
CA GLY A 618 -6.14 2.90 -11.51
C GLY A 618 -4.94 3.42 -10.76
N ALA A 619 -3.76 3.29 -11.35
CA ALA A 619 -2.53 3.86 -10.80
C ALA A 619 -1.60 4.26 -11.93
N SER A 620 -1.19 5.53 -11.94
CA SER A 620 -0.35 6.07 -13.02
C SER A 620 0.68 7.06 -12.50
N LYS A 621 1.85 7.04 -13.10
CA LYS A 621 2.83 8.08 -12.85
C LYS A 621 2.41 9.36 -13.59
N VAL A 622 2.25 10.44 -12.84
CA VAL A 622 1.80 11.72 -13.40
C VAL A 622 2.73 12.82 -12.93
N PRO A 623 3.42 13.49 -13.86
CA PRO A 623 4.36 14.55 -13.46
C PRO A 623 3.60 15.71 -12.84
N ASP A 624 4.02 16.15 -11.67
CA ASP A 624 3.40 17.31 -11.05
C ASP A 624 3.87 18.61 -11.72
N ILE A 625 3.57 19.74 -11.08
CA ILE A 625 3.84 21.06 -11.63
C ILE A 625 5.36 21.36 -11.74
N HIS A 626 6.14 20.69 -10.89
CA HIS A 626 7.59 20.85 -10.91
C HIS A 626 8.21 19.73 -11.71
N ASP A 627 7.36 18.99 -12.40
CA ASP A 627 7.78 17.88 -13.25
C ASP A 627 8.34 16.67 -12.49
N VAL A 628 8.05 16.59 -11.19
CA VAL A 628 8.37 15.40 -10.41
C VAL A 628 7.34 14.30 -10.67
N ALA A 629 7.81 13.11 -11.03
CA ALA A 629 6.91 11.98 -11.27
C ALA A 629 6.31 11.48 -9.97
N LEU A 630 4.98 11.37 -9.93
CA LEU A 630 4.29 10.86 -8.74
C LEU A 630 3.40 9.68 -9.10
N MET A 631 3.48 8.59 -8.33
CA MET A 631 2.51 7.51 -8.44
C MET A 631 1.20 7.98 -7.82
N GLU A 632 0.24 8.27 -8.69
CA GLU A 632 -1.07 8.73 -8.27
C GLU A 632 -2.00 7.52 -8.13
N ASP A 633 -2.78 7.48 -7.04
CA ASP A 633 -3.88 6.54 -6.95
C ASP A 633 -5.09 7.30 -6.44
N ARG A 634 -6.15 6.60 -6.05
CA ARG A 634 -7.38 7.28 -5.67
C ARG A 634 -7.20 8.19 -4.45
N ALA A 635 -6.30 7.81 -3.54
CA ALA A 635 -6.11 8.59 -2.33
C ALA A 635 -5.51 9.97 -2.64
N THR A 636 -4.53 10.01 -3.53
CA THR A 636 -3.91 11.28 -3.90
C THR A 636 -4.94 12.16 -4.64
N LEU A 637 -5.81 11.52 -5.41
CA LEU A 637 -6.89 12.22 -6.10
C LEU A 637 -7.89 12.73 -5.07
N ARG A 638 -8.15 11.92 -4.05
CA ARG A 638 -9.02 12.37 -2.97
CA ARG A 638 -9.03 12.36 -2.97
C ARG A 638 -8.50 13.67 -2.35
N ILE A 639 -7.19 13.75 -2.11
CA ILE A 639 -6.60 14.98 -1.56
C ILE A 639 -6.75 16.18 -2.51
N SER A 640 -6.30 16.02 -3.76
CA SER A 640 -6.29 17.13 -4.71
C SER A 640 -7.68 17.70 -4.93
N SER A 641 -8.65 16.82 -5.14
CA SER A 641 -10.00 17.26 -5.42
C SER A 641 -10.63 17.91 -4.17
N GLN A 642 -10.37 17.34 -3.01
CA GLN A 642 -10.92 17.89 -1.78
C GLN A 642 -10.31 19.26 -1.44
N LEU A 643 -9.02 19.42 -1.72
CA LEU A 643 -8.33 20.68 -1.43
C LEU A 643 -8.93 21.80 -2.28
N LEU A 644 -8.99 21.62 -3.59
CA LEU A 644 -9.61 22.60 -4.48
C LEU A 644 -11.07 22.86 -4.09
N ALA A 645 -11.81 21.79 -3.81
CA ALA A 645 -13.19 21.95 -3.34
C ALA A 645 -13.24 22.86 -2.11
N ASN A 646 -12.33 22.62 -1.16
CA ASN A 646 -12.23 23.46 0.03
C ASN A 646 -11.86 24.93 -0.25
N TRP A 647 -10.93 25.12 -1.17
CA TRP A 647 -10.55 26.47 -1.57
C TRP A 647 -11.70 27.20 -2.27
N LEU A 648 -12.43 26.48 -3.12
CA LEU A 648 -13.61 27.04 -3.79
C LEU A 648 -14.70 27.37 -2.77
N ARG A 649 -14.88 26.49 -1.78
CA ARG A 649 -15.88 26.68 -0.73
C ARG A 649 -15.66 27.96 0.06
N HIS A 650 -14.40 28.33 0.24
CA HIS A 650 -14.07 29.44 1.11
C HIS A 650 -13.54 30.66 0.37
N GLY A 651 -13.67 30.65 -0.95
CA GLY A 651 -13.40 31.84 -1.74
C GLY A 651 -11.95 32.15 -1.97
N VAL A 652 -11.08 31.16 -1.81
CA VAL A 652 -9.67 31.36 -2.09
C VAL A 652 -9.51 31.50 -3.60
N ILE A 653 -10.33 30.76 -4.34
CA ILE A 653 -10.28 30.73 -5.80
C ILE A 653 -11.72 30.77 -6.31
N THR A 654 -11.89 31.17 -7.57
CA THR A 654 -13.21 31.22 -8.19
C THR A 654 -13.38 30.04 -9.13
N SER A 655 -14.62 29.80 -9.55
CA SER A 655 -14.91 28.70 -10.46
C SER A 655 -14.24 28.93 -11.82
N ALA A 656 -13.97 30.18 -12.16
CA ALA A 656 -13.22 30.47 -13.38
C ALA A 656 -11.74 30.10 -13.23
N ASP A 657 -11.21 30.26 -12.01
CA ASP A 657 -9.81 29.85 -11.80
C ASP A 657 -9.69 28.36 -12.08
N VAL A 658 -10.63 27.60 -11.54
CA VAL A 658 -10.63 26.16 -11.72
C VAL A 658 -10.80 25.76 -13.17
N ARG A 659 -11.78 26.36 -13.85
CA ARG A 659 -12.00 26.05 -15.25
C ARG A 659 -10.75 26.32 -16.10
N ALA A 660 -10.18 27.50 -15.93
CA ALA A 660 -9.03 27.91 -16.73
C ALA A 660 -7.85 26.99 -16.47
N SER A 661 -7.66 26.61 -15.21
CA SER A 661 -6.55 25.73 -14.87
C SER A 661 -6.75 24.36 -15.53
N LEU A 662 -7.95 23.79 -15.38
CA LEU A 662 -8.24 22.51 -16.03
C LEU A 662 -7.99 22.65 -17.53
N GLU A 663 -8.49 23.73 -18.11
CA GLU A 663 -8.33 23.91 -19.55
C GLU A 663 -6.88 24.11 -19.95
N ARG A 664 -6.10 24.77 -19.10
CA ARG A 664 -4.67 24.95 -19.31
C ARG A 664 -3.89 23.64 -19.25
N MET A 665 -4.13 22.85 -18.21
CA MET A 665 -3.32 21.66 -17.95
C MET A 665 -3.65 20.52 -18.89
N ALA A 666 -4.85 20.55 -19.44
CA ALA A 666 -5.39 19.46 -20.27
C ALA A 666 -4.55 19.13 -21.51
N PRO A 667 -4.15 20.16 -22.27
CA PRO A 667 -3.35 19.88 -23.48
C PRO A 667 -1.99 19.32 -23.11
N LEU A 668 -1.45 19.76 -21.97
CA LEU A 668 -0.18 19.25 -21.48
C LEU A 668 -0.28 17.76 -21.17
N VAL A 669 -1.34 17.38 -20.47
CA VAL A 669 -1.60 15.98 -20.18
C VAL A 669 -1.80 15.18 -21.46
N ASP A 670 -2.52 15.76 -22.43
CA ASP A 670 -2.70 15.12 -23.72
C ASP A 670 -1.33 14.81 -24.32
N ARG A 671 -0.43 15.80 -24.21
CA ARG A 671 0.91 15.68 -24.76
C ARG A 671 1.69 14.59 -24.03
N GLN A 672 1.45 14.47 -22.73
CA GLN A 672 2.17 13.50 -21.92
C GLN A 672 1.77 12.09 -22.30
N ASN A 673 0.58 11.93 -22.89
CA ASN A 673 0.11 10.64 -23.38
C ASN A 673 0.21 10.53 -24.92
N ALA A 674 -0.27 9.42 -25.47
CA ALA A 674 -0.13 9.16 -26.91
C ALA A 674 -0.74 7.82 -27.33
N VAL A 677 -1.73 5.09 -27.59
CA VAL A 677 -2.47 4.50 -28.70
C VAL A 677 -3.95 4.37 -28.40
N ALA A 678 -4.26 3.97 -27.16
CA ALA A 678 -5.65 3.93 -26.72
C ALA A 678 -6.02 5.27 -26.10
N TYR A 679 -5.23 6.30 -26.38
CA TYR A 679 -5.46 7.60 -25.76
C TYR A 679 -6.32 8.52 -26.61
N ARG A 680 -7.29 9.16 -25.95
CA ARG A 680 -8.19 10.10 -26.60
C ARG A 680 -8.04 11.51 -25.99
N PRO A 681 -7.47 12.44 -26.77
CA PRO A 681 -7.23 13.82 -26.33
C PRO A 681 -8.46 14.50 -25.73
N MET A 682 -8.27 15.22 -24.62
CA MET A 682 -9.35 15.93 -23.96
C MET A 682 -9.58 17.29 -24.63
N ALA A 683 -8.50 17.93 -25.02
CA ALA A 683 -8.57 19.20 -25.73
C ALA A 683 -8.63 18.96 -27.23
N PRO A 684 -9.19 19.91 -28.01
CA PRO A 684 -9.73 21.18 -27.50
C PRO A 684 -11.22 21.11 -27.17
N ASN A 685 -11.84 19.96 -27.46
CA ASN A 685 -13.27 19.77 -27.21
C ASN A 685 -13.53 19.22 -25.82
N PHE A 686 -13.14 19.99 -24.81
CA PHE A 686 -13.18 19.54 -23.42
C PHE A 686 -14.49 18.89 -23.04
N ASP A 687 -15.60 19.54 -23.37
CA ASP A 687 -16.89 19.05 -22.90
C ASP A 687 -17.42 17.85 -23.70
N ASP A 688 -16.61 17.36 -24.64
CA ASP A 688 -16.93 16.14 -25.37
C ASP A 688 -16.18 14.95 -24.77
N SER A 689 -15.31 15.25 -23.80
CA SER A 689 -14.48 14.24 -23.14
C SER A 689 -15.09 13.84 -21.80
N ILE A 690 -15.53 12.58 -21.70
CA ILE A 690 -16.02 12.09 -20.43
C ILE A 690 -14.96 12.26 -19.32
N ALA A 691 -13.70 12.02 -19.65
CA ALA A 691 -12.59 12.11 -18.69
C ALA A 691 -12.41 13.52 -18.19
N PHE A 692 -12.48 14.49 -19.09
CA PHE A 692 -12.36 15.88 -18.68
C PHE A 692 -13.51 16.27 -17.76
N LEU A 693 -14.73 15.89 -18.12
CA LEU A 693 -15.91 16.19 -17.31
C LEU A 693 -15.84 15.53 -15.94
N ALA A 694 -15.33 14.30 -15.91
CA ALA A 694 -15.08 13.60 -14.64
C ALA A 694 -14.21 14.43 -13.70
N ALA A 695 -13.10 14.92 -14.24
CA ALA A 695 -12.15 15.71 -13.48
C ALA A 695 -12.83 16.96 -12.94
N GLN A 696 -13.62 17.60 -13.79
CA GLN A 696 -14.34 18.80 -13.39
C GLN A 696 -15.31 18.46 -12.27
N GLU A 697 -16.05 17.38 -12.46
CA GLU A 697 -17.07 16.98 -11.51
C GLU A 697 -16.48 16.65 -10.13
N LEU A 698 -15.32 16.00 -10.13
CA LEU A 698 -14.65 15.65 -8.87
C LEU A 698 -14.38 16.89 -8.02
N ILE A 699 -14.02 17.98 -8.70
CA ILE A 699 -13.75 19.24 -8.01
C ILE A 699 -15.04 19.94 -7.60
N LEU A 700 -15.95 20.12 -8.57
CA LEU A 700 -17.12 20.96 -8.36
C LEU A 700 -18.18 20.30 -7.47
N SER A 701 -18.17 18.98 -7.42
CA SER A 701 -19.05 18.25 -6.50
C SER A 701 -18.30 17.72 -5.30
N GLY A 702 -17.00 18.05 -5.21
CA GLY A 702 -16.16 17.52 -4.15
C GLY A 702 -16.78 17.58 -2.79
N ALA A 703 -17.35 18.73 -2.45
CA ALA A 703 -17.87 18.96 -1.11
C ALA A 703 -19.05 18.04 -0.77
N GLN A 704 -19.80 17.63 -1.80
CA GLN A 704 -20.98 16.81 -1.59
C GLN A 704 -20.73 15.30 -1.65
N GLN A 705 -19.53 14.89 -2.06
CA GLN A 705 -19.20 13.46 -2.05
C GLN A 705 -19.03 12.95 -0.62
N PRO A 706 -19.59 11.78 -0.31
CA PRO A 706 -19.49 11.36 1.09
C PRO A 706 -18.03 11.17 1.50
N ASN A 707 -17.62 11.89 2.54
CA ASN A 707 -16.26 11.85 3.06
C ASN A 707 -15.23 12.16 2.00
N GLY A 708 -15.68 12.80 0.93
CA GLY A 708 -14.82 13.20 -0.17
C GLY A 708 -14.35 12.04 -1.04
N TYR A 709 -15.01 10.90 -0.95
CA TYR A 709 -14.63 9.73 -1.73
C TYR A 709 -14.82 9.98 -3.22
N THR A 710 -13.87 9.46 -4.01
CA THR A 710 -13.83 9.72 -5.43
C THR A 710 -14.49 8.61 -6.27
N GLU A 711 -14.76 7.47 -5.65
CA GLU A 711 -15.27 6.33 -6.43
C GLU A 711 -16.64 6.57 -7.06
N PRO A 712 -17.56 7.23 -6.33
CA PRO A 712 -18.88 7.35 -6.97
C PRO A 712 -18.77 8.00 -8.34
N ILE A 713 -18.05 9.12 -8.43
CA ILE A 713 -17.87 9.79 -9.71
C ILE A 713 -17.03 8.99 -10.70
N LEU A 714 -15.93 8.40 -10.24
CA LEU A 714 -15.04 7.67 -11.14
C LEU A 714 -15.74 6.47 -11.75
N HIS A 715 -16.52 5.77 -10.95
CA HIS A 715 -17.19 4.56 -11.40
C HIS A 715 -18.28 4.90 -12.40
N ARG A 716 -19.08 5.91 -12.06
CA ARG A 716 -20.12 6.40 -12.96
C ARG A 716 -19.54 6.83 -14.32
N ARG A 717 -18.46 7.61 -14.30
CA ARG A 717 -17.85 8.13 -15.52
C ARG A 717 -17.11 7.07 -16.33
N ARG A 718 -16.46 6.14 -15.65
CA ARG A 718 -15.82 5.04 -16.34
C ARG A 718 -16.88 4.19 -17.04
N ARG A 719 -17.98 3.90 -16.35
CA ARG A 719 -19.05 3.12 -16.96
C ARG A 719 -19.65 3.85 -18.15
N GLU A 720 -19.86 5.16 -18.00
CA GLU A 720 -20.30 6.01 -19.10
C GLU A 720 -19.36 5.87 -20.29
N PHE A 721 -18.05 5.94 -20.04
CA PHE A 721 -17.09 5.81 -21.13
C PHE A 721 -17.22 4.47 -21.84
N LYS A 722 -17.35 3.39 -21.08
CA LYS A 722 -17.43 2.04 -21.64
C LYS A 722 -18.69 1.88 -22.49
N ALA A 723 -19.80 2.44 -22.02
CA ALA A 723 -21.06 2.35 -22.74
C ALA A 723 -20.97 3.07 -24.08
N ARG A 724 -20.36 4.25 -24.10
CA ARG A 724 -20.19 4.96 -25.37
C ARG A 724 -19.30 4.15 -26.30
N ALA A 725 -18.20 3.65 -25.76
CA ALA A 725 -17.24 2.88 -26.54
C ALA A 725 -17.87 1.61 -27.13
N ALA A 726 -18.98 1.17 -26.54
CA ALA A 726 -19.65 -0.05 -27.00
C ALA A 726 -20.69 0.21 -28.08
N GLU A 727 -20.80 1.46 -28.53
CA GLU A 727 -21.80 1.82 -29.52
C GLU A 727 -21.22 2.74 -30.59
O01 043 B . -4.38 6.31 1.92
C02 043 B . -3.08 5.89 1.76
O03 043 B . -2.18 6.65 1.96
C04 043 B . -2.89 4.68 0.85
O05 043 B . -3.63 3.76 0.96
C06 043 B . -1.94 4.84 -0.33
C07 043 B . -2.13 4.16 -1.45
O08 043 B . -3.05 3.11 -1.50
C09 043 B . -1.22 4.42 -2.65
C10 043 B . -0.76 5.73 -2.93
C11 043 B . 0.07 5.99 -4.04
C12 043 B . 0.44 4.90 -4.87
C13 043 B . -0.03 3.60 -4.59
BR14 043 B . 0.47 2.11 -5.72
C15 043 B . -0.86 3.35 -3.48
MG MG C . -5.77 4.49 1.42
MG MG D . 22.16 -4.14 14.70
MG MG E . -24.30 20.22 3.86
#